data_3GL2
#
_entry.id   3GL2
#
_cell.length_a   81.323
_cell.length_b   81.323
_cell.length_c   159.282
_cell.angle_alpha   90.00
_cell.angle_beta   90.00
_cell.angle_gamma   120.00
#
_symmetry.space_group_name_H-M   'P 32'
#
loop_
_entity.id
_entity.type
_entity.pdbx_description
1 polymer DdmC
2 non-polymer 'FE2/S2 (INORGANIC) CLUSTER'
3 non-polymer 'FE (III) ION'
4 non-polymer '3,6-dichloro-2-methoxybenzoic acid'
5 water water
#
_entity_poly.entity_id   1
_entity_poly.type   'polypeptide(L)'
_entity_poly.pdbx_seq_one_letter_code
;MATFVRNAWYVAALPEELSEKPLGRTILDTPLALYRQPDGVVAALLDICPHRFAPLSDGILVNGHLQCPYHGLEFDGGGQ
CVHNPHGNGARPASLNVRSFPVVERDALIWIWPGDPALADPGAIPDFGCRVDPAYRTVGGYGHVDCNYKLLVDNLMDLGH
AQYVHRANAQTDAFDRLEREVIVGDGEIQALMKIPGGTPSVLMAKFLRGANTPVDAWNDIRWNKVSAMLNFIAVAPEGTP
KEQSIHSRGTHILTPETEASCHYFFGSSRNFGIDDPEMDGVLRSWQAQALVKEDKVVVEAIERRRAYVEANGIRPAMLSC
DEAAVRVSREIEKLEQLEAARLEHHHHHH
;
_entity_poly.pdbx_strand_id   A,B,C
#
loop_
_chem_comp.id
_chem_comp.type
_chem_comp.name
_chem_comp.formula
D3M non-polymer '3,6-dichloro-2-methoxybenzoic acid' 'C8 H6 Cl2 O3'
FE non-polymer 'FE (III) ION' 'Fe 3'
FES non-polymer 'FE2/S2 (INORGANIC) CLUSTER' 'Fe2 S2'
#
# COMPACT_ATOMS: atom_id res chain seq x y z
N ALA A 2 -16.56 -9.94 0.26
CA ALA A 2 -16.78 -9.17 1.51
C ALA A 2 -18.25 -9.24 1.90
N THR A 3 -18.53 -9.74 3.11
CA THR A 3 -19.92 -9.94 3.56
C THR A 3 -20.39 -8.78 4.43
N PHE A 4 -21.43 -8.10 3.96
CA PHE A 4 -22.05 -7.00 4.69
C PHE A 4 -23.54 -7.30 4.83
N VAL A 5 -24.20 -6.56 5.71
CA VAL A 5 -25.65 -6.56 5.77
C VAL A 5 -26.20 -5.32 5.08
N ARG A 6 -26.56 -5.47 3.81
CA ARG A 6 -26.86 -4.30 2.97
C ARG A 6 -28.25 -3.75 3.26
N ASN A 7 -29.18 -4.64 3.58
CA ASN A 7 -30.56 -4.26 3.88
C ASN A 7 -30.66 -3.76 5.31
N ALA A 8 -30.16 -2.56 5.54
CA ALA A 8 -30.21 -1.94 6.85
C ALA A 8 -29.82 -0.49 6.67
N TRP A 9 -30.17 0.36 7.62
CA TRP A 9 -29.80 1.75 7.50
C TRP A 9 -28.43 1.90 8.14
N TYR A 10 -27.56 2.64 7.47
CA TYR A 10 -26.24 2.98 8.00
C TYR A 10 -26.05 4.51 7.99
N VAL A 11 -25.32 5.03 8.97
CA VAL A 11 -24.91 6.43 8.87
C VAL A 11 -23.78 6.56 7.85
N ALA A 12 -24.03 7.32 6.80
CA ALA A 12 -23.04 7.58 5.77
C ALA A 12 -22.24 8.84 6.07
N ALA A 13 -22.87 9.80 6.75
CA ALA A 13 -22.23 11.07 7.04
C ALA A 13 -22.89 11.79 8.20
N LEU A 14 -22.17 12.74 8.79
CA LEU A 14 -22.78 13.78 9.61
C LEU A 14 -23.23 14.93 8.72
N PRO A 15 -24.35 15.58 9.06
CA PRO A 15 -24.88 16.67 8.21
C PRO A 15 -23.86 17.78 7.94
N GLU A 16 -23.15 18.20 8.98
CA GLU A 16 -22.11 19.21 8.86
C GLU A 16 -21.03 18.83 7.84
N GLU A 17 -20.91 17.56 7.49
CA GLU A 17 -19.91 17.15 6.49
C GLU A 17 -20.31 17.52 5.04
N LEU A 18 -21.60 17.74 4.78
CA LEU A 18 -22.12 17.80 3.41
C LEU A 18 -22.45 19.23 3.00
N SER A 19 -22.50 19.47 1.70
CA SER A 19 -22.87 20.78 1.16
C SER A 19 -23.25 20.57 -0.29
N GLU A 20 -23.21 21.66 -1.05
CA GLU A 20 -23.45 21.56 -2.49
C GLU A 20 -22.21 21.03 -3.23
N LYS A 21 -21.08 20.98 -2.53
CA LYS A 21 -19.88 20.26 -2.99
C LYS A 21 -19.95 18.80 -2.53
N PRO A 22 -20.10 17.88 -3.50
CA PRO A 22 -20.31 16.48 -3.14
C PRO A 22 -19.15 15.88 -2.37
N LEU A 23 -19.49 15.00 -1.44
CA LEU A 23 -18.52 14.22 -0.68
C LEU A 23 -18.52 12.82 -1.26
N GLY A 24 -17.36 12.37 -1.72
CA GLY A 24 -17.18 10.97 -2.12
C GLY A 24 -16.82 10.09 -0.93
N ARG A 25 -17.69 9.14 -0.58
CA ARG A 25 -17.41 8.22 0.53
C ARG A 25 -17.92 6.83 0.21
N THR A 26 -17.16 5.81 0.61
CA THR A 26 -17.48 4.42 0.33
C THR A 26 -18.05 3.74 1.56
N ILE A 27 -19.29 3.28 1.45
CA ILE A 27 -19.89 2.46 2.49
C ILE A 27 -20.23 1.07 1.92
N LEU A 28 -19.93 0.03 2.68
CA LEU A 28 -20.16 -1.33 2.26
C LEU A 28 -19.64 -1.54 0.82
N ASP A 29 -18.40 -1.09 0.58
CA ASP A 29 -17.68 -1.25 -0.68
C ASP A 29 -18.39 -0.57 -1.83
N THR A 30 -19.24 0.40 -1.52
CA THR A 30 -20.10 0.99 -2.52
C THR A 30 -19.82 2.48 -2.48
N PRO A 31 -19.29 3.03 -3.58
CA PRO A 31 -18.89 4.42 -3.52
C PRO A 31 -20.03 5.37 -3.83
N LEU A 32 -20.17 6.39 -3.00
CA LEU A 32 -21.34 7.26 -3.01
C LEU A 32 -20.91 8.71 -3.22
N ALA A 33 -21.75 9.45 -3.92
CA ALA A 33 -21.62 10.90 -4.00
C ALA A 33 -22.73 11.49 -3.15
N LEU A 34 -22.37 12.24 -2.12
CA LEU A 34 -23.30 12.71 -1.11
C LEU A 34 -23.26 14.20 -1.15
N TYR A 35 -24.44 14.81 -1.34
CA TYR A 35 -24.56 16.25 -1.40
C TYR A 35 -25.95 16.72 -0.97
N ARG A 36 -25.99 17.97 -0.52
CA ARG A 36 -27.22 18.67 -0.20
C ARG A 36 -27.66 19.49 -1.40
N GLN A 37 -28.87 19.24 -1.91
CA GLN A 37 -29.39 19.98 -3.03
C GLN A 37 -29.74 21.43 -2.61
N PRO A 38 -29.80 22.35 -3.57
CA PRO A 38 -30.30 23.71 -3.30
C PRO A 38 -31.51 23.83 -2.36
N ASP A 39 -32.48 22.93 -2.47
CA ASP A 39 -33.65 22.93 -1.55
C ASP A 39 -33.36 22.34 -0.17
N GLY A 40 -32.12 21.91 0.04
CA GLY A 40 -31.68 21.52 1.37
C GLY A 40 -31.74 20.03 1.62
N VAL A 41 -32.24 19.26 0.65
CA VAL A 41 -32.49 17.84 0.85
C VAL A 41 -31.30 17.05 0.36
N VAL A 42 -30.80 16.14 1.19
CA VAL A 42 -29.56 15.43 0.87
C VAL A 42 -29.82 14.32 -0.14
N ALA A 43 -28.92 14.18 -1.12
CA ALA A 43 -28.99 13.11 -2.10
C ALA A 43 -27.78 12.21 -2.00
N ALA A 44 -27.94 10.97 -2.43
CA ALA A 44 -26.86 10.02 -2.40
C ALA A 44 -26.97 9.19 -3.66
N LEU A 45 -25.97 9.35 -4.51
CA LEU A 45 -25.92 8.73 -5.82
C LEU A 45 -24.74 7.80 -5.83
N LEU A 46 -24.87 6.67 -6.51
CA LEU A 46 -23.69 5.86 -6.81
C LEU A 46 -22.66 6.70 -7.50
N ASP A 47 -21.42 6.69 -7.00
CA ASP A 47 -20.41 7.60 -7.48
C ASP A 47 -19.72 7.05 -8.73
N ILE A 48 -20.52 6.65 -9.72
CA ILE A 48 -20.02 6.07 -10.97
C ILE A 48 -20.94 6.47 -12.12
N CYS A 49 -20.49 7.40 -12.97
CA CYS A 49 -21.35 7.93 -14.03
C CYS A 49 -21.70 6.78 -14.97
N PRO A 50 -22.99 6.61 -15.31
CA PRO A 50 -23.41 5.52 -16.18
C PRO A 50 -22.80 5.50 -17.58
N HIS A 51 -22.29 6.64 -18.03
CA HIS A 51 -21.64 6.77 -19.34
C HIS A 51 -20.30 6.06 -19.33
N ARG A 52 -19.30 6.64 -18.66
CA ARG A 52 -17.94 6.10 -18.67
C ARG A 52 -17.33 5.91 -17.28
N PHE A 53 -18.16 6.02 -16.24
CA PHE A 53 -17.81 5.56 -14.92
C PHE A 53 -16.98 6.59 -14.15
N ALA A 54 -16.98 7.84 -14.61
CA ALA A 54 -16.34 8.91 -13.87
C ALA A 54 -17.03 9.18 -12.52
N PRO A 55 -16.25 9.65 -11.54
CA PRO A 55 -16.83 10.03 -10.27
C PRO A 55 -17.65 11.30 -10.41
N LEU A 56 -18.95 11.18 -10.19
CA LEU A 56 -19.83 12.34 -10.15
C LEU A 56 -19.50 13.22 -8.96
N SER A 57 -18.98 12.61 -7.89
CA SER A 57 -18.57 13.36 -6.70
C SER A 57 -17.44 14.34 -6.94
N ASP A 58 -16.73 14.22 -8.07
CA ASP A 58 -15.82 15.29 -8.54
C ASP A 58 -16.55 16.37 -9.38
N GLY A 59 -17.87 16.28 -9.47
CA GLY A 59 -18.63 17.25 -10.26
C GLY A 59 -19.01 18.47 -9.45
N ILE A 60 -19.69 19.40 -10.12
CA ILE A 60 -20.31 20.53 -9.45
C ILE A 60 -21.78 20.56 -9.85
N LEU A 61 -22.60 21.22 -9.04
CA LEU A 61 -24.02 21.32 -9.32
C LEU A 61 -24.22 22.36 -10.40
N VAL A 62 -24.90 21.96 -11.47
CA VAL A 62 -25.39 22.90 -12.46
C VAL A 62 -26.91 22.87 -12.43
N ASN A 63 -27.51 23.99 -12.04
CA ASN A 63 -28.95 24.12 -11.96
C ASN A 63 -29.51 23.27 -10.82
N GLY A 64 -28.68 23.01 -9.82
CA GLY A 64 -29.10 22.19 -8.71
C GLY A 64 -29.05 20.71 -9.05
N HIS A 65 -28.59 20.41 -10.26
CA HIS A 65 -28.30 19.04 -10.69
C HIS A 65 -26.80 18.76 -10.67
N LEU A 66 -26.42 17.62 -10.14
CA LEU A 66 -25.02 17.19 -10.17
C LEU A 66 -24.61 16.87 -11.60
N GLN A 67 -23.56 17.54 -12.06
CA GLN A 67 -23.04 17.31 -13.40
C GLN A 67 -21.74 16.50 -13.40
N CYS A 68 -21.72 15.44 -14.19
CA CYS A 68 -20.50 14.65 -14.34
C CYS A 68 -19.35 15.52 -14.86
N PRO A 69 -18.17 15.43 -14.23
CA PRO A 69 -17.04 16.27 -14.65
C PRO A 69 -16.46 15.92 -16.03
N TYR A 70 -16.88 14.77 -16.58
CA TYR A 70 -16.20 14.19 -17.72
C TYR A 70 -16.84 14.68 -19.01
N HIS A 71 -18.10 14.34 -19.22
CA HIS A 71 -18.80 14.76 -20.44
C HIS A 71 -20.13 15.42 -20.13
N GLY A 72 -20.43 15.59 -18.86
CA GLY A 72 -21.37 16.63 -18.48
C GLY A 72 -22.82 16.18 -18.51
N LEU A 73 -23.07 14.89 -18.40
CA LEU A 73 -24.44 14.44 -18.11
C LEU A 73 -24.84 15.04 -16.77
N GLU A 74 -26.13 15.35 -16.61
CA GLU A 74 -26.63 15.93 -15.36
C GLU A 74 -27.68 15.04 -14.68
N PHE A 75 -27.65 15.01 -13.35
CA PHE A 75 -28.52 14.10 -12.60
C PHE A 75 -29.26 14.84 -11.51
N ASP A 76 -30.49 14.41 -11.23
CA ASP A 76 -31.20 14.90 -10.04
C ASP A 76 -30.96 13.93 -8.90
N GLY A 77 -31.58 14.23 -7.76
CA GLY A 77 -31.28 13.51 -6.52
C GLY A 77 -31.88 12.13 -6.55
N GLY A 78 -32.78 11.93 -7.52
CA GLY A 78 -33.33 10.61 -7.79
C GLY A 78 -32.47 9.76 -8.69
N GLY A 79 -31.34 10.29 -9.15
CA GLY A 79 -30.48 9.60 -10.11
C GLY A 79 -30.97 9.70 -11.55
N GLN A 80 -32.01 10.48 -11.78
CA GLN A 80 -32.55 10.61 -13.13
C GLN A 80 -31.60 11.51 -13.94
N CYS A 81 -31.21 11.09 -15.14
CA CYS A 81 -30.46 11.97 -16.02
C CYS A 81 -31.41 13.04 -16.56
N VAL A 82 -31.15 14.29 -16.22
CA VAL A 82 -32.04 15.38 -16.60
C VAL A 82 -31.48 16.25 -17.72
N HIS A 83 -30.24 15.99 -18.15
CA HIS A 83 -29.72 16.64 -19.36
C HIS A 83 -28.59 15.80 -19.96
N ASN A 84 -28.63 15.64 -21.27
CA ASN A 84 -27.52 15.13 -22.07
C ASN A 84 -27.20 16.12 -23.18
N PRO A 85 -26.01 16.75 -23.11
CA PRO A 85 -25.61 17.84 -24.01
C PRO A 85 -25.16 17.40 -25.41
N HIS A 86 -25.14 16.10 -25.66
CA HIS A 86 -24.53 15.58 -26.87
C HIS A 86 -25.56 15.13 -27.92
N GLY A 87 -25.35 15.56 -29.16
CA GLY A 87 -26.20 15.14 -30.27
C GLY A 87 -27.62 15.62 -30.03
N ASN A 88 -28.58 14.74 -30.24
CA ASN A 88 -29.98 15.11 -30.10
C ASN A 88 -30.37 15.34 -28.66
N GLY A 89 -29.48 14.96 -27.74
CA GLY A 89 -29.71 15.21 -26.34
C GLY A 89 -30.73 14.26 -25.74
N ALA A 90 -30.78 13.03 -26.30
CA ALA A 90 -31.75 12.04 -25.81
C ALA A 90 -31.27 11.40 -24.49
N ARG A 91 -32.22 11.08 -23.61
CA ARG A 91 -31.91 10.55 -22.27
C ARG A 91 -32.69 9.26 -22.00
N PRO A 92 -32.23 8.15 -22.60
CA PRO A 92 -32.84 6.87 -22.31
C PRO A 92 -32.57 6.41 -20.88
N ALA A 93 -33.19 5.30 -20.50
CA ALA A 93 -33.23 4.86 -19.12
C ALA A 93 -31.83 4.42 -18.66
N SER A 94 -31.00 4.02 -19.62
CA SER A 94 -29.64 3.54 -19.34
C SER A 94 -28.73 4.64 -18.79
N LEU A 95 -29.13 5.90 -18.96
CA LEU A 95 -28.31 7.03 -18.51
C LEU A 95 -28.56 7.38 -17.06
N ASN A 96 -29.66 6.88 -16.50
CA ASN A 96 -29.93 7.08 -15.09
C ASN A 96 -28.93 6.36 -14.21
N VAL A 97 -28.54 7.00 -13.11
CA VAL A 97 -27.64 6.40 -12.15
C VAL A 97 -28.42 5.96 -10.90
N ARG A 98 -27.91 4.93 -10.22
CA ARG A 98 -28.54 4.44 -8.99
C ARG A 98 -28.54 5.51 -7.90
N SER A 99 -29.69 5.69 -7.26
CA SER A 99 -29.83 6.59 -6.13
C SER A 99 -30.17 5.76 -4.89
N PHE A 100 -29.72 6.23 -3.73
CA PHE A 100 -29.91 5.51 -2.49
C PHE A 100 -30.86 6.27 -1.57
N PRO A 101 -31.81 5.56 -0.95
CA PRO A 101 -32.68 6.18 0.04
C PRO A 101 -31.91 6.84 1.17
N VAL A 102 -32.30 8.07 1.50
CA VAL A 102 -31.56 8.86 2.51
C VAL A 102 -32.59 9.41 3.47
N VAL A 103 -32.36 9.24 4.77
CA VAL A 103 -33.12 9.93 5.77
C VAL A 103 -32.18 10.73 6.66
N GLU A 104 -32.37 12.04 6.69
CA GLU A 104 -31.70 12.91 7.65
C GLU A 104 -32.52 13.00 8.93
N ARG A 105 -31.98 12.49 10.03
CA ARG A 105 -32.71 12.42 11.29
C ARG A 105 -31.70 12.45 12.45
N ASP A 106 -32.04 13.13 13.55
CA ASP A 106 -31.20 13.08 14.75
C ASP A 106 -29.78 13.54 14.42
N ALA A 107 -29.68 14.49 13.51
CA ALA A 107 -28.39 15.08 13.12
C ALA A 107 -27.44 14.01 12.63
N LEU A 108 -28.03 13.06 11.90
CA LEU A 108 -27.31 11.99 11.21
C LEU A 108 -27.87 11.90 9.80
N ILE A 109 -27.02 11.47 8.85
CA ILE A 109 -27.48 11.11 7.52
C ILE A 109 -27.51 9.59 7.34
N TRP A 110 -28.71 9.00 7.38
CA TRP A 110 -28.91 7.55 7.22
C TRP A 110 -29.09 7.18 5.76
N ILE A 111 -28.48 6.08 5.34
CA ILE A 111 -28.62 5.63 3.95
C ILE A 111 -28.92 4.13 3.93
N TRP A 112 -29.75 3.73 2.98
CA TRP A 112 -30.05 2.32 2.76
C TRP A 112 -29.32 1.81 1.53
N PRO A 113 -28.28 0.99 1.73
CA PRO A 113 -27.42 0.51 0.65
C PRO A 113 -27.91 -0.76 -0.04
N GLY A 114 -29.11 -1.21 0.34
CA GLY A 114 -29.61 -2.49 -0.12
C GLY A 114 -30.75 -2.33 -1.12
N ASP A 115 -31.73 -3.21 -1.01
CA ASP A 115 -32.89 -3.16 -1.90
C ASP A 115 -33.76 -1.99 -1.45
N PRO A 116 -33.79 -0.92 -2.25
CA PRO A 116 -34.52 0.31 -1.94
C PRO A 116 -36.01 0.10 -1.68
N ALA A 117 -36.56 -1.01 -2.15
CA ALA A 117 -37.98 -1.31 -1.97
C ALA A 117 -38.24 -1.68 -0.51
N LEU A 118 -37.16 -2.01 0.21
CA LEU A 118 -37.24 -2.50 1.58
C LEU A 118 -36.90 -1.42 2.61
N ALA A 119 -36.46 -0.26 2.16
CA ALA A 119 -36.04 0.79 3.08
C ALA A 119 -37.26 1.37 3.82
N ASP A 120 -37.23 1.29 5.14
CA ASP A 120 -38.38 1.61 5.99
C ASP A 120 -37.89 2.56 7.08
N PRO A 121 -38.25 3.85 6.99
CA PRO A 121 -37.74 4.87 7.91
C PRO A 121 -38.13 4.56 9.35
N GLY A 122 -39.20 3.77 9.49
CA GLY A 122 -39.60 3.29 10.80
C GLY A 122 -38.50 2.49 11.48
N ALA A 123 -37.56 1.99 10.69
CA ALA A 123 -36.56 1.05 11.20
C ALA A 123 -35.27 1.77 11.63
N ILE A 124 -35.22 3.08 11.48
CA ILE A 124 -34.02 3.85 11.81
C ILE A 124 -33.91 3.94 13.33
N PRO A 125 -32.70 3.65 13.88
CA PRO A 125 -32.50 3.74 15.33
C PRO A 125 -32.79 5.10 15.92
N ASP A 126 -33.22 5.11 17.17
CA ASP A 126 -33.61 6.37 17.85
C ASP A 126 -32.39 7.03 18.49
N PHE A 127 -31.98 8.17 17.91
CA PHE A 127 -30.93 8.98 18.49
C PHE A 127 -31.39 10.41 18.84
N GLY A 128 -32.60 10.50 19.39
CA GLY A 128 -33.28 11.78 19.54
C GLY A 128 -32.54 12.80 20.37
N CYS A 129 -31.73 12.33 21.33
CA CYS A 129 -30.99 13.20 22.23
C CYS A 129 -30.11 14.15 21.44
N ARG A 130 -29.68 13.70 20.25
CA ARG A 130 -28.79 14.48 19.40
C ARG A 130 -29.44 15.78 18.92
N VAL A 131 -30.76 15.82 18.88
CA VAL A 131 -31.45 17.03 18.41
C VAL A 131 -32.33 17.64 19.47
N ASP A 132 -32.24 17.10 20.67
CA ASP A 132 -33.10 17.51 21.78
C ASP A 132 -32.45 18.71 22.48
N PRO A 133 -33.16 19.85 22.57
CA PRO A 133 -32.53 21.10 23.01
C PRO A 133 -32.12 21.08 24.48
N ALA A 134 -32.59 20.09 25.22
CA ALA A 134 -32.17 19.89 26.61
C ALA A 134 -30.79 19.25 26.69
N TYR A 135 -30.28 18.75 25.56
CA TYR A 135 -28.94 18.18 25.52
C TYR A 135 -28.00 19.06 24.71
N ARG A 136 -26.75 19.13 25.15
CA ARG A 136 -25.68 19.68 24.35
C ARG A 136 -24.87 18.57 23.67
N THR A 137 -24.83 18.61 22.34
CA THR A 137 -24.27 17.55 21.58
C THR A 137 -23.01 18.03 20.86
N VAL A 138 -21.92 17.30 21.06
CA VAL A 138 -20.70 17.57 20.31
C VAL A 138 -20.17 16.22 19.83
N GLY A 139 -19.50 16.24 18.68
CA GLY A 139 -18.87 15.02 18.20
C GLY A 139 -18.21 15.20 16.85
N GLY A 140 -17.90 14.10 16.19
CA GLY A 140 -17.19 14.17 14.94
C GLY A 140 -17.12 12.81 14.27
N TYR A 141 -16.20 12.71 13.33
CA TYR A 141 -16.02 11.54 12.46
C TYR A 141 -14.58 11.10 12.56
N GLY A 142 -14.33 9.78 12.54
CA GLY A 142 -12.99 9.25 12.33
C GLY A 142 -12.97 8.01 11.45
N HIS A 143 -11.87 7.82 10.74
CA HIS A 143 -11.71 6.69 9.85
C HIS A 143 -10.75 5.72 10.50
N VAL A 144 -11.08 4.43 10.48
CA VAL A 144 -10.27 3.42 11.17
C VAL A 144 -10.02 2.24 10.24
N ASP A 145 -8.77 1.76 10.24
CA ASP A 145 -8.37 0.63 9.42
C ASP A 145 -8.58 -0.68 10.20
N CYS A 146 -9.83 -0.94 10.53
CA CYS A 146 -10.23 -2.24 11.03
C CYS A 146 -11.62 -2.58 10.50
N ASN A 147 -11.94 -3.86 10.49
CA ASN A 147 -13.30 -4.32 10.31
C ASN A 147 -14.18 -3.73 11.38
N TYR A 148 -15.36 -3.25 11.01
CA TYR A 148 -16.20 -2.54 11.96
C TYR A 148 -16.54 -3.38 13.19
N LYS A 149 -16.50 -4.70 13.04
CA LYS A 149 -16.97 -5.62 14.07
C LYS A 149 -16.04 -5.58 15.27
N LEU A 150 -14.82 -5.12 15.03
CA LEU A 150 -13.80 -5.06 16.04
C LEU A 150 -14.12 -3.87 16.92
N LEU A 151 -14.74 -2.87 16.32
CA LEU A 151 -15.11 -1.67 17.06
C LEU A 151 -16.47 -1.83 17.74
N VAL A 152 -17.34 -2.66 17.17
CA VAL A 152 -18.50 -3.14 17.91
C VAL A 152 -18.11 -3.89 19.20
N ASP A 153 -17.18 -4.85 19.09
CA ASP A 153 -16.65 -5.56 20.26
C ASP A 153 -16.13 -4.58 21.30
N ASN A 154 -15.40 -3.59 20.83
CA ASN A 154 -14.74 -2.60 21.68
C ASN A 154 -15.77 -1.85 22.49
N LEU A 155 -16.84 -1.44 21.82
CA LEU A 155 -17.83 -0.58 22.40
C LEU A 155 -18.81 -1.35 23.27
N MET A 156 -19.03 -2.61 22.97
CA MET A 156 -19.93 -3.44 23.78
C MET A 156 -19.27 -4.05 25.01
N ASP A 157 -17.95 -3.92 25.13
CA ASP A 157 -17.28 -4.06 26.43
C ASP A 157 -16.61 -2.76 26.82
N LEU A 158 -17.39 -1.87 27.39
CA LEU A 158 -16.90 -0.57 27.78
C LEU A 158 -15.84 -0.69 28.90
N GLY A 159 -15.73 -1.86 29.51
CA GLY A 159 -14.69 -2.11 30.52
C GLY A 159 -13.25 -1.99 30.05
N HIS A 160 -13.03 -2.06 28.73
CA HIS A 160 -11.68 -1.88 28.15
C HIS A 160 -11.10 -0.51 28.53
N ALA A 161 -11.97 0.41 28.98
CA ALA A 161 -11.56 1.79 29.21
C ALA A 161 -10.72 1.87 30.49
N GLN A 162 -10.96 0.93 31.40
CA GLN A 162 -10.09 0.79 32.56
C GLN A 162 -8.59 0.63 32.21
N TYR A 163 -8.29 0.13 31.03
CA TYR A 163 -6.89 -0.11 30.65
C TYR A 163 -6.52 0.76 29.46
N VAL A 164 -7.20 0.58 28.33
CA VAL A 164 -6.96 1.39 27.14
C VAL A 164 -7.02 2.89 27.44
N HIS A 165 -7.97 3.30 28.28
CA HIS A 165 -8.15 4.74 28.56
C HIS A 165 -7.78 5.07 29.99
N ARG A 166 -6.90 4.28 30.57
CA ARG A 166 -6.68 4.33 32.00
C ARG A 166 -6.36 5.72 32.57
N ALA A 167 -5.71 6.59 31.80
CA ALA A 167 -5.36 7.92 32.31
C ALA A 167 -6.61 8.77 32.61
N ASN A 168 -7.67 8.54 31.86
CA ASN A 168 -8.92 9.30 32.01
C ASN A 168 -10.01 8.51 32.76
N ALA A 169 -10.00 7.19 32.60
CA ALA A 169 -11.18 6.39 32.87
C ALA A 169 -10.95 5.38 34.00
N GLN A 170 -9.71 5.20 34.44
CA GLN A 170 -9.44 4.27 35.55
C GLN A 170 -10.29 4.64 36.77
N THR A 171 -10.99 3.66 37.32
CA THR A 171 -11.62 3.79 38.64
C THR A 171 -11.20 2.70 39.63
N ASP A 172 -11.00 3.08 40.89
CA ASP A 172 -10.55 2.13 41.91
C ASP A 172 -11.68 1.26 42.46
N ALA A 173 -12.85 1.36 41.84
CA ALA A 173 -14.01 0.54 42.21
C ALA A 173 -14.33 -0.50 41.12
N PHE A 174 -13.39 -0.70 40.19
CA PHE A 174 -13.62 -1.54 39.02
C PHE A 174 -13.91 -3.01 39.39
N ASP A 175 -13.27 -3.50 40.46
CA ASP A 175 -13.46 -4.89 40.86
C ASP A 175 -14.78 -5.09 41.61
N ARG A 176 -15.59 -4.04 41.66
CA ARG A 176 -16.94 -4.12 42.22
C ARG A 176 -18.01 -3.90 41.15
N LEU A 177 -17.57 -3.82 39.88
CA LEU A 177 -18.46 -3.84 38.71
C LEU A 177 -19.67 -4.77 38.90
N GLU A 178 -20.86 -4.22 38.70
CA GLU A 178 -22.06 -5.03 38.42
C GLU A 178 -22.48 -4.90 36.94
N ARG A 179 -22.67 -6.03 36.28
CA ARG A 179 -22.86 -6.10 34.83
C ARG A 179 -24.13 -6.90 34.54
N GLU A 180 -25.07 -6.30 33.80
CA GLU A 180 -26.29 -7.01 33.39
C GLU A 180 -26.44 -6.94 31.87
N VAL A 181 -27.03 -7.97 31.27
CA VAL A 181 -27.30 -7.95 29.84
C VAL A 181 -28.76 -8.24 29.58
N ILE A 182 -29.41 -7.33 28.85
CA ILE A 182 -30.81 -7.47 28.49
C ILE A 182 -30.95 -7.60 26.99
N VAL A 183 -31.45 -8.75 26.56
CA VAL A 183 -31.67 -9.02 25.14
C VAL A 183 -33.09 -8.63 24.71
N GLY A 184 -33.18 -7.69 23.78
CA GLY A 184 -34.46 -7.38 23.13
C GLY A 184 -34.61 -8.17 21.84
N ASP A 185 -35.66 -7.88 21.07
CA ASP A 185 -35.67 -8.26 19.66
C ASP A 185 -34.95 -7.20 18.82
N GLY A 186 -33.75 -7.53 18.36
CA GLY A 186 -32.94 -6.63 17.54
C GLY A 186 -32.31 -5.49 18.33
N GLU A 187 -32.24 -5.67 19.65
CA GLU A 187 -31.64 -4.70 20.56
C GLU A 187 -31.07 -5.42 21.77
N ILE A 188 -29.88 -4.99 22.19
CA ILE A 188 -29.19 -5.60 23.33
C ILE A 188 -28.59 -4.49 24.18
N GLN A 189 -28.94 -4.48 25.47
CA GLN A 189 -28.38 -3.52 26.41
C GLN A 189 -27.35 -4.21 27.35
N ALA A 190 -26.12 -3.68 27.39
CA ALA A 190 -25.15 -4.02 28.43
C ALA A 190 -25.05 -2.90 29.46
N LEU A 191 -25.44 -3.20 30.69
CA LEU A 191 -25.42 -2.23 31.79
C LEU A 191 -24.25 -2.50 32.74
N MET A 192 -23.54 -1.44 33.16
CA MET A 192 -22.51 -1.55 34.21
C MET A 192 -22.75 -0.48 35.26
N LYS A 193 -22.80 -0.90 36.53
CA LYS A 193 -22.70 0.02 37.66
C LYS A 193 -21.37 -0.13 38.40
N ILE A 194 -20.57 0.93 38.41
CA ILE A 194 -19.40 0.99 39.28
C ILE A 194 -19.73 1.75 40.54
N PRO A 195 -19.91 1.03 41.66
CA PRO A 195 -20.41 1.55 42.92
C PRO A 195 -19.31 1.97 43.90
N GLY A 196 -19.36 3.22 44.36
CA GLY A 196 -18.80 3.59 45.65
C GLY A 196 -17.39 4.15 45.55
N GLY A 197 -16.88 4.26 44.32
CA GLY A 197 -15.49 4.66 44.10
C GLY A 197 -15.30 6.16 44.21
N THR A 198 -14.05 6.59 44.27
CA THR A 198 -13.72 7.97 43.91
C THR A 198 -13.79 8.13 42.39
N PRO A 199 -14.36 9.26 41.91
CA PRO A 199 -14.60 9.43 40.46
C PRO A 199 -13.33 9.34 39.61
N SER A 200 -13.44 8.85 38.38
CA SER A 200 -12.30 8.87 37.46
C SER A 200 -11.90 10.31 37.15
N VAL A 201 -10.73 10.49 36.54
CA VAL A 201 -10.28 11.83 36.14
C VAL A 201 -11.39 12.52 35.33
N LEU A 202 -12.02 11.76 34.46
CA LEU A 202 -13.00 12.31 33.53
C LEU A 202 -14.35 12.58 34.18
N MET A 203 -14.81 11.69 35.05
CA MET A 203 -16.01 11.95 35.85
C MET A 203 -15.79 13.09 36.82
N ALA A 204 -14.56 13.23 37.32
CA ALA A 204 -14.21 14.36 38.17
C ALA A 204 -14.39 15.67 37.41
N LYS A 205 -13.89 15.71 36.19
CA LYS A 205 -14.14 16.82 35.29
C LYS A 205 -15.64 17.09 35.06
N PHE A 206 -16.40 16.05 34.71
CA PHE A 206 -17.86 16.18 34.66
C PHE A 206 -18.37 16.94 35.88
N LEU A 207 -17.86 16.58 37.06
CA LEU A 207 -18.39 17.08 38.33
C LEU A 207 -17.68 18.37 38.77
N ARG A 208 -16.85 18.91 37.88
CA ARG A 208 -16.09 20.13 38.17
C ARG A 208 -15.27 19.93 39.44
N GLY A 209 -14.64 18.77 39.53
CA GLY A 209 -13.56 18.54 40.47
C GLY A 209 -13.97 17.69 41.67
N ALA A 210 -15.26 17.72 42.01
CA ALA A 210 -15.74 17.09 43.23
C ALA A 210 -15.11 15.71 43.41
N ASN A 211 -14.41 15.54 44.54
CA ASN A 211 -13.43 14.45 44.72
C ASN A 211 -14.02 13.28 45.54
N THR A 212 -15.20 13.52 46.11
CA THR A 212 -15.80 12.62 47.08
C THR A 212 -16.56 11.47 46.36
N PRO A 213 -16.80 10.36 47.08
CA PRO A 213 -17.18 9.09 46.44
C PRO A 213 -18.48 9.17 45.62
N VAL A 214 -18.49 8.51 44.47
CA VAL A 214 -19.63 8.57 43.55
C VAL A 214 -20.12 7.17 43.21
N ASP A 215 -21.30 7.09 42.59
CA ASP A 215 -21.64 5.96 41.71
C ASP A 215 -21.55 6.35 40.23
N ALA A 216 -21.06 5.43 39.40
CA ALA A 216 -20.98 5.68 37.96
C ALA A 216 -21.70 4.58 37.20
N TRP A 217 -22.37 4.96 36.12
CA TRP A 217 -22.98 3.98 35.23
C TRP A 217 -22.43 4.12 33.84
N ASN A 218 -22.10 2.98 33.24
CA ASN A 218 -21.69 2.91 31.84
C ASN A 218 -22.55 1.88 31.12
N ASP A 219 -23.73 2.30 30.67
CA ASP A 219 -24.60 1.44 29.89
C ASP A 219 -24.41 1.61 28.40
N ILE A 220 -24.58 0.53 27.65
CA ILE A 220 -24.62 0.68 26.21
C ILE A 220 -25.76 -0.13 25.55
N ARG A 221 -26.41 0.51 24.57
CA ARG A 221 -27.50 -0.08 23.80
C ARG A 221 -27.06 -0.31 22.36
N TRP A 222 -27.29 -1.51 21.84
CA TRP A 222 -27.01 -1.80 20.45
C TRP A 222 -28.28 -2.08 19.68
N ASN A 223 -28.36 -1.52 18.48
CA ASN A 223 -29.36 -1.87 17.47
C ASN A 223 -28.66 -2.27 16.19
N LYS A 224 -29.27 -3.16 15.41
CA LYS A 224 -28.63 -3.68 14.20
C LYS A 224 -28.46 -2.54 13.19
N VAL A 225 -27.41 -2.56 12.38
CA VAL A 225 -26.38 -3.59 12.43
C VAL A 225 -25.29 -3.22 13.43
N SER A 226 -24.99 -1.93 13.52
CA SER A 226 -23.81 -1.51 14.21
C SER A 226 -23.97 -0.08 14.73
N ALA A 227 -25.11 0.19 15.36
CA ALA A 227 -25.42 1.53 15.87
C ALA A 227 -25.64 1.45 17.36
N MET A 228 -24.84 2.19 18.12
CA MET A 228 -24.85 2.09 19.57
C MET A 228 -25.04 3.44 20.23
N LEU A 229 -25.77 3.43 21.35
CA LEU A 229 -25.98 4.60 22.18
C LEU A 229 -25.67 4.23 23.63
N ASN A 230 -24.74 4.95 24.25
CA ASN A 230 -24.40 4.66 25.63
C ASN A 230 -24.91 5.73 26.57
N PHE A 231 -24.74 5.45 27.85
CA PHE A 231 -25.25 6.24 28.94
C PHE A 231 -24.10 6.28 29.94
N ILE A 232 -23.45 7.41 30.03
CA ILE A 232 -22.32 7.58 30.94
C ILE A 232 -22.74 8.57 31.98
N ALA A 233 -22.82 8.10 33.22
CA ALA A 233 -23.46 8.84 34.28
C ALA A 233 -22.62 8.79 35.56
N VAL A 234 -22.66 9.87 36.32
CA VAL A 234 -21.97 9.90 37.61
C VAL A 234 -22.80 10.74 38.56
N ALA A 235 -22.71 10.45 39.85
CA ALA A 235 -23.58 11.04 40.86
C ALA A 235 -23.05 10.70 42.26
N PRO A 236 -23.16 11.64 43.21
CA PRO A 236 -22.79 11.26 44.57
C PRO A 236 -23.32 9.88 44.90
N GLU A 237 -22.50 9.09 45.59
CA GLU A 237 -22.87 7.72 45.96
C GLU A 237 -24.29 7.66 46.51
N GLY A 238 -25.03 6.65 46.07
CA GLY A 238 -26.34 6.34 46.66
C GLY A 238 -27.36 7.39 46.33
N THR A 239 -27.29 7.91 45.12
CA THR A 239 -28.35 8.74 44.56
C THR A 239 -28.95 8.01 43.35
N PRO A 240 -30.22 8.32 43.02
CA PRO A 240 -30.92 7.73 41.89
C PRO A 240 -30.22 7.93 40.53
N LYS A 241 -30.44 7.02 39.60
CA LYS A 241 -29.74 7.01 38.33
C LYS A 241 -30.43 7.94 37.31
N GLU A 242 -31.73 8.14 37.53
CA GLU A 242 -32.52 9.07 36.72
C GLU A 242 -32.12 10.52 37.00
N GLN A 243 -31.57 10.77 38.18
CA GLN A 243 -31.24 12.12 38.63
C GLN A 243 -29.78 12.49 38.37
N SER A 244 -29.02 11.57 37.76
CA SER A 244 -27.60 11.77 37.54
C SER A 244 -27.40 12.76 36.42
N ILE A 245 -26.31 13.52 36.48
CA ILE A 245 -25.76 14.14 35.29
C ILE A 245 -25.24 13.04 34.38
N HIS A 246 -25.45 13.19 33.08
CA HIS A 246 -25.11 12.13 32.15
C HIS A 246 -24.73 12.62 30.77
N SER A 247 -24.04 11.73 30.07
CA SER A 247 -23.80 11.84 28.63
C SER A 247 -24.44 10.64 27.96
N ARG A 248 -25.27 10.92 26.96
CA ARG A 248 -25.69 9.91 26.00
C ARG A 248 -24.79 9.94 24.78
N GLY A 249 -24.11 8.83 24.54
CA GLY A 249 -23.00 8.78 23.61
C GLY A 249 -23.40 8.11 22.31
N THR A 250 -23.35 8.88 21.23
CA THR A 250 -23.54 8.36 19.89
C THR A 250 -22.30 7.56 19.52
N HIS A 251 -22.45 6.28 19.23
CA HIS A 251 -21.32 5.51 18.71
C HIS A 251 -21.72 4.59 17.59
N ILE A 252 -21.51 5.04 16.36
CA ILE A 252 -22.10 4.40 15.20
C ILE A 252 -21.01 4.11 14.20
N LEU A 253 -20.94 2.85 13.80
CA LEU A 253 -19.95 2.36 12.85
C LEU A 253 -20.65 2.04 11.54
N THR A 254 -19.99 2.34 10.43
CA THR A 254 -20.43 1.90 9.11
C THR A 254 -19.22 1.31 8.37
N PRO A 255 -19.36 0.07 7.85
CA PRO A 255 -18.24 -0.52 7.12
C PRO A 255 -17.86 0.27 5.88
N GLU A 256 -16.57 0.32 5.57
CA GLU A 256 -16.14 0.96 4.35
C GLU A 256 -15.71 -0.12 3.37
N THR A 257 -14.64 -0.80 3.70
CA THR A 257 -14.27 -2.04 3.06
C THR A 257 -14.34 -3.12 4.13
N GLU A 258 -13.97 -4.35 3.80
CA GLU A 258 -14.04 -5.43 4.77
C GLU A 258 -13.06 -5.20 5.91
N ALA A 259 -11.97 -4.48 5.64
CA ALA A 259 -10.95 -4.23 6.67
C ALA A 259 -10.83 -2.75 7.05
N SER A 260 -11.86 -1.95 6.75
CA SER A 260 -11.87 -0.54 7.18
C SER A 260 -13.28 -0.03 7.43
N CYS A 261 -13.40 1.00 8.27
CA CYS A 261 -14.73 1.47 8.65
C CYS A 261 -14.79 2.95 9.02
N HIS A 262 -16.01 3.50 8.97
CA HIS A 262 -16.36 4.83 9.47
C HIS A 262 -16.93 4.81 10.90
N TYR A 263 -16.47 5.77 11.69
CA TYR A 263 -16.83 5.86 13.09
C TYR A 263 -17.42 7.24 13.34
N PHE A 264 -18.70 7.25 13.67
CA PHE A 264 -19.41 8.49 13.99
C PHE A 264 -19.68 8.51 15.47
N PHE A 265 -19.07 9.47 16.16
CA PHE A 265 -19.16 9.51 17.62
C PHE A 265 -19.71 10.86 18.09
N GLY A 266 -20.28 10.87 19.28
CA GLY A 266 -20.81 12.09 19.84
C GLY A 266 -21.09 11.90 21.31
N SER A 267 -21.15 13.03 22.02
CA SER A 267 -21.67 13.09 23.37
C SER A 267 -22.83 14.05 23.41
N SER A 268 -23.97 13.57 23.91
CA SER A 268 -25.12 14.44 24.20
C SER A 268 -25.31 14.51 25.70
N ARG A 269 -24.95 15.65 26.28
CA ARG A 269 -24.84 15.77 27.74
C ARG A 269 -25.89 16.71 28.32
N ASN A 270 -26.39 16.35 29.50
CA ASN A 270 -27.41 17.16 30.16
C ASN A 270 -26.85 18.18 31.17
N PHE A 271 -25.53 18.35 31.18
CA PHE A 271 -24.90 19.22 32.15
C PHE A 271 -23.90 20.15 31.46
N GLY A 272 -23.65 21.31 32.07
CA GLY A 272 -22.78 22.30 31.47
C GLY A 272 -23.15 22.64 30.03
N ILE A 273 -24.44 22.89 29.78
CA ILE A 273 -24.97 22.97 28.42
C ILE A 273 -24.47 24.21 27.66
N ASP A 274 -24.20 25.30 28.38
CA ASP A 274 -23.65 26.50 27.75
C ASP A 274 -22.20 26.75 28.19
N ASP A 275 -21.36 25.75 28.07
CA ASP A 275 -20.00 25.80 28.58
C ASP A 275 -19.02 25.29 27.51
N PRO A 276 -18.29 26.22 26.88
CA PRO A 276 -17.37 25.84 25.81
C PRO A 276 -16.19 24.99 26.31
N GLU A 277 -15.76 25.25 27.54
CA GLU A 277 -14.65 24.51 28.15
C GLU A 277 -15.01 23.03 28.41
N MET A 278 -16.23 22.79 28.85
CA MET A 278 -16.75 21.43 28.95
C MET A 278 -17.00 20.80 27.59
N ASP A 279 -17.34 21.63 26.58
CA ASP A 279 -17.27 21.18 25.17
C ASP A 279 -15.88 20.62 24.88
N GLY A 280 -14.85 21.38 25.27
CA GLY A 280 -13.48 21.05 24.94
C GLY A 280 -13.01 19.79 25.64
N VAL A 281 -13.39 19.66 26.91
CA VAL A 281 -13.16 18.44 27.66
C VAL A 281 -13.72 17.23 26.91
N LEU A 282 -14.96 17.33 26.45
CA LEU A 282 -15.56 16.18 25.74
C LEU A 282 -14.90 15.90 24.39
N ARG A 283 -14.59 16.95 23.64
CA ARG A 283 -13.87 16.76 22.38
C ARG A 283 -12.41 16.32 22.59
N SER A 284 -11.76 16.80 23.64
CA SER A 284 -10.49 16.21 24.06
C SER A 284 -10.65 14.69 24.23
N TRP A 285 -11.57 14.27 25.09
CA TRP A 285 -11.77 12.86 25.36
C TRP A 285 -11.97 12.10 24.06
N GLN A 286 -12.83 12.63 23.21
CA GLN A 286 -13.14 11.99 21.95
C GLN A 286 -11.88 11.82 21.09
N ALA A 287 -11.02 12.82 21.08
CA ALA A 287 -9.80 12.81 20.26
C ALA A 287 -8.78 11.80 20.75
N GLN A 288 -8.52 11.80 22.05
CA GLN A 288 -7.55 10.90 22.64
C GLN A 288 -8.06 9.45 22.69
N ALA A 289 -9.27 9.26 23.22
CA ALA A 289 -9.78 7.92 23.54
C ALA A 289 -10.21 7.22 22.27
N LEU A 290 -11.14 7.83 21.57
CA LEU A 290 -11.89 7.16 20.52
C LEU A 290 -11.04 7.07 19.25
N VAL A 291 -10.21 8.08 19.01
CA VAL A 291 -9.62 8.27 17.70
C VAL A 291 -8.13 7.90 17.68
N LYS A 292 -7.46 8.02 18.82
CA LYS A 292 -6.10 7.49 18.96
C LYS A 292 -6.09 6.13 19.67
N GLU A 293 -6.35 6.13 20.98
CA GLU A 293 -6.10 4.96 21.83
C GLU A 293 -6.81 3.72 21.26
N ASP A 294 -8.11 3.84 21.01
CA ASP A 294 -8.88 2.72 20.47
C ASP A 294 -8.46 2.36 19.04
N LYS A 295 -8.15 3.39 18.23
CA LYS A 295 -7.57 3.16 16.88
C LYS A 295 -6.33 2.26 16.93
N VAL A 296 -5.42 2.59 17.84
CA VAL A 296 -4.20 1.83 17.99
C VAL A 296 -4.48 0.37 18.29
N VAL A 297 -5.45 0.10 19.14
CA VAL A 297 -5.69 -1.26 19.57
C VAL A 297 -6.34 -2.03 18.44
N VAL A 298 -7.43 -1.51 17.88
CA VAL A 298 -8.20 -2.25 16.88
C VAL A 298 -7.45 -2.36 15.57
N GLU A 299 -6.64 -1.36 15.25
CA GLU A 299 -5.85 -1.44 14.03
C GLU A 299 -4.77 -2.52 14.16
N ALA A 300 -4.17 -2.64 15.34
CA ALA A 300 -3.21 -3.72 15.60
C ALA A 300 -3.86 -5.12 15.58
N ILE A 301 -5.07 -5.25 16.12
CA ILE A 301 -5.78 -6.52 16.07
C ILE A 301 -6.03 -6.91 14.61
N GLU A 302 -6.40 -5.95 13.79
CA GLU A 302 -6.69 -6.24 12.38
C GLU A 302 -5.44 -6.77 11.67
N ARG A 303 -4.28 -6.25 12.07
CA ARG A 303 -3.05 -6.63 11.40
C ARG A 303 -2.68 -8.05 11.77
N ARG A 304 -3.31 -8.56 12.83
CA ARG A 304 -3.02 -9.90 13.32
C ARG A 304 -4.03 -10.94 12.81
N ARG A 305 -4.96 -10.48 12.01
CA ARG A 305 -6.06 -11.32 11.55
C ARG A 305 -5.52 -12.40 10.63
N ALA A 306 -4.56 -12.01 9.79
CA ALA A 306 -3.90 -12.97 8.92
C ALA A 306 -3.27 -14.14 9.71
N TYR A 307 -2.56 -13.86 10.80
CA TYR A 307 -1.95 -14.94 11.58
C TYR A 307 -3.00 -15.81 12.27
N VAL A 308 -3.94 -15.16 12.92
CA VAL A 308 -5.02 -15.82 13.64
C VAL A 308 -5.74 -16.82 12.74
N GLU A 309 -6.14 -16.35 11.55
CA GLU A 309 -6.89 -17.18 10.64
C GLU A 309 -6.06 -18.37 10.18
N ALA A 310 -4.79 -18.13 9.86
CA ALA A 310 -3.96 -19.15 9.23
C ALA A 310 -3.51 -20.20 10.25
N ASN A 311 -3.60 -19.86 11.52
CA ASN A 311 -3.25 -20.81 12.55
C ASN A 311 -4.46 -21.27 13.35
N GLY A 312 -5.65 -20.91 12.89
CA GLY A 312 -6.88 -21.47 13.42
C GLY A 312 -7.08 -21.10 14.88
N ILE A 313 -6.75 -19.86 15.22
CA ILE A 313 -6.88 -19.38 16.58
C ILE A 313 -8.28 -18.81 16.81
N ARG A 314 -8.86 -19.16 17.96
CA ARG A 314 -10.17 -18.66 18.36
C ARG A 314 -10.03 -17.82 19.63
N PRO A 315 -10.93 -16.85 19.85
CA PRO A 315 -10.78 -16.05 21.07
C PRO A 315 -11.16 -16.83 22.33
N ALA A 316 -10.54 -16.46 23.46
CA ALA A 316 -10.95 -17.05 24.73
C ALA A 316 -11.78 -16.04 25.47
N MET A 317 -12.96 -16.44 25.91
CA MET A 317 -13.92 -15.45 26.36
C MET A 317 -13.83 -15.27 27.87
N LEU A 318 -14.11 -14.05 28.32
CA LEU A 318 -14.04 -13.67 29.74
C LEU A 318 -15.41 -13.22 30.21
N SER A 319 -15.52 -12.92 31.50
CA SER A 319 -16.79 -12.63 32.11
C SER A 319 -17.38 -11.33 31.59
N CYS A 320 -16.54 -10.51 30.97
CA CYS A 320 -16.97 -9.19 30.52
C CYS A 320 -17.60 -9.26 29.12
N ASP A 321 -17.61 -10.45 28.53
CA ASP A 321 -17.79 -10.57 27.08
C ASP A 321 -19.23 -10.78 26.61
N GLU A 322 -20.17 -11.00 27.52
CA GLU A 322 -21.46 -11.58 27.15
C GLU A 322 -22.19 -10.72 26.12
N ALA A 323 -22.26 -9.42 26.37
CA ALA A 323 -22.98 -8.53 25.49
C ALA A 323 -22.34 -8.49 24.10
N ALA A 324 -21.01 -8.51 24.05
CA ALA A 324 -20.32 -8.30 22.81
C ALA A 324 -20.48 -9.53 21.97
N VAL A 325 -20.46 -10.70 22.62
CA VAL A 325 -20.61 -11.97 21.92
C VAL A 325 -22.03 -12.11 21.37
N ARG A 326 -23.04 -11.79 22.19
CA ARG A 326 -24.43 -11.80 21.71
C ARG A 326 -24.60 -10.93 20.47
N VAL A 327 -24.11 -9.70 20.54
CA VAL A 327 -24.17 -8.79 19.41
C VAL A 327 -23.47 -9.39 18.20
N SER A 328 -22.29 -9.96 18.43
CA SER A 328 -21.54 -10.58 17.36
C SER A 328 -22.35 -11.69 16.70
N ARG A 329 -23.07 -12.46 17.49
CA ARG A 329 -23.77 -13.61 16.94
C ARG A 329 -25.02 -13.16 16.20
N GLU A 330 -25.58 -12.04 16.62
CA GLU A 330 -26.68 -11.42 15.91
C GLU A 330 -26.26 -10.87 14.56
N ILE A 331 -25.11 -10.19 14.51
CA ILE A 331 -24.59 -9.70 13.22
C ILE A 331 -24.31 -10.88 12.28
N GLU A 332 -23.69 -11.94 12.79
CA GLU A 332 -23.42 -13.11 11.96
C GLU A 332 -24.70 -13.70 11.40
N LYS A 333 -25.72 -13.73 12.24
CA LYS A 333 -26.98 -14.35 11.92
C LYS A 333 -27.64 -13.57 10.77
N LEU A 334 -27.63 -12.24 10.89
CA LEU A 334 -28.11 -11.37 9.83
C LEU A 334 -27.28 -11.50 8.56
N GLU A 335 -25.97 -11.52 8.69
CA GLU A 335 -25.11 -11.74 7.53
C GLU A 335 -25.58 -12.98 6.77
N GLN A 336 -25.84 -14.07 7.50
CA GLN A 336 -26.10 -15.37 6.89
C GLN A 336 -27.49 -15.45 6.28
N LEU A 337 -28.46 -14.78 6.90
CA LEU A 337 -29.77 -14.60 6.30
C LEU A 337 -29.65 -13.95 4.92
N GLU A 338 -28.87 -12.90 4.83
CA GLU A 338 -28.81 -12.14 3.60
C GLU A 338 -28.12 -12.95 2.52
N ALA A 339 -27.20 -13.81 2.92
CA ALA A 339 -26.35 -14.51 1.97
C ALA A 339 -27.15 -15.46 1.10
N ALA A 340 -28.46 -15.49 1.32
CA ALA A 340 -29.39 -16.12 0.38
C ALA A 340 -30.51 -15.15 -0.02
N ARG A 341 -30.63 -14.87 -1.32
CA ARG A 341 -29.47 -14.46 -2.13
C ARG A 341 -29.73 -13.11 -2.77
N ALA B 2 -1.64 -7.96 -17.70
CA ALA B 2 -2.25 -9.32 -17.76
C ALA B 2 -2.61 -9.70 -19.19
N THR B 3 -3.56 -8.98 -19.81
CA THR B 3 -3.77 -9.09 -21.26
C THR B 3 -3.29 -7.85 -22.03
N PHE B 4 -2.20 -8.07 -22.78
CA PHE B 4 -1.61 -7.03 -23.59
C PHE B 4 -1.52 -7.58 -25.00
N VAL B 5 -1.38 -6.68 -25.97
CA VAL B 5 -0.97 -7.09 -27.31
C VAL B 5 0.54 -6.99 -27.40
N ARG B 6 1.23 -8.13 -27.25
CA ARG B 6 2.71 -8.11 -27.14
C ARG B 6 3.37 -8.04 -28.51
N ASN B 7 2.70 -8.60 -29.51
CA ASN B 7 3.22 -8.55 -30.87
C ASN B 7 2.84 -7.24 -31.52
N ALA B 8 3.48 -6.17 -31.08
CA ALA B 8 3.27 -4.86 -31.67
C ALA B 8 4.41 -3.95 -31.23
N TRP B 9 4.62 -2.86 -31.97
CA TRP B 9 5.61 -1.84 -31.62
C TRP B 9 5.00 -0.86 -30.62
N TYR B 10 5.74 -0.54 -29.56
CA TYR B 10 5.34 0.43 -28.57
C TYR B 10 6.46 1.48 -28.40
N VAL B 11 6.08 2.72 -28.17
CA VAL B 11 7.04 3.71 -27.72
C VAL B 11 7.43 3.41 -26.30
N ALA B 12 8.72 3.24 -26.10
CA ALA B 12 9.25 2.95 -24.76
C ALA B 12 9.85 4.20 -24.12
N ALA B 13 10.39 5.11 -24.94
CA ALA B 13 11.00 6.33 -24.44
C ALA B 13 10.92 7.41 -25.53
N LEU B 14 11.14 8.67 -25.13
CA LEU B 14 11.55 9.69 -26.08
C LEU B 14 13.06 9.67 -26.20
N PRO B 15 13.58 10.01 -27.38
CA PRO B 15 15.01 9.95 -27.57
C PRO B 15 15.76 10.72 -26.50
N GLU B 16 15.22 11.87 -26.10
CA GLU B 16 15.90 12.78 -25.20
C GLU B 16 15.90 12.28 -23.75
N GLU B 17 15.14 11.23 -23.49
CA GLU B 17 15.21 10.55 -22.19
C GLU B 17 16.44 9.67 -22.06
N LEU B 18 17.05 9.30 -23.18
CA LEU B 18 18.09 8.27 -23.17
C LEU B 18 19.48 8.88 -23.31
N SER B 19 20.46 8.17 -22.78
CA SER B 19 21.83 8.61 -22.79
C SER B 19 22.69 7.41 -22.40
N GLU B 20 23.95 7.66 -22.05
CA GLU B 20 24.80 6.59 -21.64
C GLU B 20 24.43 6.10 -20.23
N LYS B 21 23.58 6.85 -19.54
CA LYS B 21 23.03 6.42 -18.25
C LYS B 21 21.75 5.72 -18.52
N PRO B 22 21.70 4.43 -18.21
CA PRO B 22 20.51 3.70 -18.60
C PRO B 22 19.25 4.20 -17.88
N LEU B 23 18.11 4.00 -18.53
CA LEU B 23 16.83 4.25 -17.94
C LEU B 23 16.12 2.93 -17.74
N GLY B 24 15.63 2.70 -16.53
CA GLY B 24 14.76 1.57 -16.28
C GLY B 24 13.29 1.93 -16.45
N ARG B 25 12.64 1.20 -17.34
CA ARG B 25 11.24 1.41 -17.58
C ARG B 25 10.57 0.09 -17.92
N THR B 26 9.39 -0.13 -17.36
CA THR B 26 8.62 -1.33 -17.61
C THR B 26 7.57 -1.09 -18.70
N ILE B 27 7.58 -1.94 -19.71
CA ILE B 27 6.50 -1.95 -20.69
C ILE B 27 5.86 -3.33 -20.81
N LEU B 28 4.54 -3.33 -20.82
CA LEU B 28 3.77 -4.56 -20.83
C LEU B 28 4.36 -5.56 -19.82
N ASP B 29 4.54 -5.07 -18.58
CA ASP B 29 4.98 -5.88 -17.43
C ASP B 29 6.37 -6.46 -17.62
N THR B 30 7.14 -5.85 -18.52
CA THR B 30 8.46 -6.36 -18.88
C THR B 30 9.48 -5.27 -18.57
N PRO B 31 10.37 -5.50 -17.58
CA PRO B 31 11.30 -4.44 -17.19
C PRO B 31 12.49 -4.34 -18.14
N LEU B 32 12.79 -3.12 -18.59
CA LEU B 32 13.77 -2.88 -19.65
C LEU B 32 14.86 -1.94 -19.14
N ALA B 33 16.05 -2.11 -19.71
CA ALA B 33 17.17 -1.22 -19.48
C ALA B 33 17.41 -0.59 -20.85
N LEU B 34 17.18 0.71 -20.95
CA LEU B 34 17.26 1.42 -22.22
C LEU B 34 18.44 2.37 -22.16
N TYR B 35 19.28 2.35 -23.19
CA TYR B 35 20.45 3.21 -23.16
C TYR B 35 20.95 3.44 -24.58
N ARG B 36 21.75 4.49 -24.74
CA ARG B 36 22.30 4.87 -26.03
C ARG B 36 23.79 4.56 -25.99
N GLN B 37 24.24 3.73 -26.92
CA GLN B 37 25.64 3.38 -27.03
C GLN B 37 26.46 4.56 -27.56
N PRO B 38 27.78 4.49 -27.38
CA PRO B 38 28.68 5.51 -27.93
C PRO B 38 28.54 5.80 -29.42
N ASP B 39 28.14 4.82 -30.23
CA ASP B 39 27.91 5.10 -31.65
C ASP B 39 26.52 5.70 -31.91
N GLY B 40 25.74 5.89 -30.83
CA GLY B 40 24.47 6.61 -30.91
C GLY B 40 23.26 5.68 -30.95
N VAL B 41 23.51 4.39 -31.08
CA VAL B 41 22.47 3.41 -31.29
C VAL B 41 21.90 2.92 -29.96
N VAL B 42 20.58 2.91 -29.88
CA VAL B 42 19.88 2.63 -28.63
C VAL B 42 19.73 1.13 -28.49
N ALA B 43 19.95 0.64 -27.26
CA ALA B 43 19.72 -0.75 -26.96
C ALA B 43 18.70 -0.88 -25.84
N ALA B 44 17.98 -1.99 -25.84
CA ALA B 44 16.93 -2.26 -24.86
C ALA B 44 17.12 -3.68 -24.37
N LEU B 45 17.54 -3.84 -23.12
CA LEU B 45 17.81 -5.16 -22.60
C LEU B 45 16.81 -5.46 -21.51
N LEU B 46 16.51 -6.72 -21.31
CA LEU B 46 15.78 -7.14 -20.12
C LEU B 46 16.55 -6.69 -18.87
N ASP B 47 15.84 -6.03 -17.95
CA ASP B 47 16.51 -5.33 -16.86
C ASP B 47 16.69 -6.30 -15.70
N ILE B 48 17.22 -7.47 -16.03
CA ILE B 48 17.38 -8.56 -15.09
C ILE B 48 18.64 -9.25 -15.50
N CYS B 49 19.72 -8.99 -14.77
CA CYS B 49 20.94 -9.70 -14.99
C CYS B 49 20.73 -11.20 -14.93
N PRO B 50 21.25 -11.94 -15.93
CA PRO B 50 21.10 -13.39 -15.98
C PRO B 50 21.84 -14.11 -14.86
N HIS B 51 22.82 -13.46 -14.25
CA HIS B 51 23.50 -14.05 -13.13
C HIS B 51 22.58 -14.19 -11.88
N ARG B 52 22.28 -13.09 -11.20
CA ARG B 52 21.46 -13.13 -9.98
C ARG B 52 20.38 -12.07 -10.00
N PHE B 53 20.13 -11.45 -11.15
CA PHE B 53 18.84 -10.77 -11.40
C PHE B 53 18.88 -9.30 -11.05
N ALA B 54 20.07 -8.76 -10.82
CA ALA B 54 20.19 -7.36 -10.53
C ALA B 54 19.67 -6.50 -11.69
N PRO B 55 19.26 -5.27 -11.39
CA PRO B 55 18.88 -4.28 -12.36
C PRO B 55 20.09 -3.72 -13.11
N LEU B 56 20.31 -4.23 -14.32
CA LEU B 56 21.35 -3.70 -15.18
C LEU B 56 21.18 -2.19 -15.42
N SER B 57 19.95 -1.71 -15.29
CA SER B 57 19.67 -0.27 -15.49
C SER B 57 20.20 0.60 -14.37
N ASP B 58 20.65 -0.02 -13.29
CA ASP B 58 21.36 0.71 -12.23
C ASP B 58 22.86 0.73 -12.46
N GLY B 59 23.29 0.19 -13.60
CA GLY B 59 24.71 0.11 -13.93
C GLY B 59 25.16 1.25 -14.83
N ILE B 60 26.45 1.25 -15.17
CA ILE B 60 27.00 2.20 -16.15
C ILE B 60 27.62 1.50 -17.37
N LEU B 61 27.93 2.29 -18.40
CA LEU B 61 28.67 1.78 -19.57
C LEU B 61 30.17 1.73 -19.36
N VAL B 62 30.76 0.63 -19.79
CA VAL B 62 32.21 0.51 -19.79
C VAL B 62 32.58 0.07 -21.22
N ASN B 63 33.35 0.92 -21.90
CA ASN B 63 33.62 0.78 -23.31
C ASN B 63 32.35 0.51 -24.07
N GLY B 64 31.31 1.28 -23.75
CA GLY B 64 30.05 1.21 -24.52
C GLY B 64 29.18 0.02 -24.21
N HIS B 65 29.61 -0.77 -23.21
CA HIS B 65 28.90 -1.97 -22.76
C HIS B 65 28.30 -1.80 -21.38
N LEU B 66 27.04 -2.18 -21.23
CA LEU B 66 26.36 -2.02 -19.95
C LEU B 66 26.86 -3.07 -18.95
N GLN B 67 27.35 -2.55 -17.83
CA GLN B 67 27.93 -3.35 -16.77
C GLN B 67 26.93 -3.53 -15.62
N CYS B 68 26.56 -4.77 -15.31
CA CYS B 68 25.79 -5.03 -14.09
C CYS B 68 26.48 -4.43 -12.86
N PRO B 69 25.71 -3.67 -12.04
CA PRO B 69 26.25 -2.99 -10.84
C PRO B 69 26.62 -3.94 -9.72
N TYR B 70 26.20 -5.20 -9.85
CA TYR B 70 26.33 -6.13 -8.74
C TYR B 70 27.66 -6.88 -8.81
N HIS B 71 27.86 -7.69 -9.85
CA HIS B 71 29.14 -8.36 -10.00
C HIS B 71 29.84 -8.12 -11.34
N GLY B 72 29.37 -7.15 -12.10
CA GLY B 72 30.18 -6.57 -13.15
C GLY B 72 30.25 -7.33 -14.46
N LEU B 73 29.35 -8.28 -14.71
CA LEU B 73 29.15 -8.79 -16.08
C LEU B 73 28.88 -7.59 -16.98
N GLU B 74 29.46 -7.62 -18.19
CA GLU B 74 29.21 -6.61 -19.22
C GLU B 74 28.46 -7.17 -20.43
N PHE B 75 27.59 -6.35 -21.01
CA PHE B 75 26.69 -6.79 -22.07
C PHE B 75 26.75 -5.85 -23.25
N ASP B 76 26.69 -6.40 -24.46
CA ASP B 76 26.53 -5.54 -25.61
C ASP B 76 25.06 -5.29 -25.92
N GLY B 77 24.80 -4.51 -26.96
CA GLY B 77 23.43 -4.08 -27.24
C GLY B 77 22.58 -5.24 -27.72
N GLY B 78 23.23 -6.31 -28.16
CA GLY B 78 22.53 -7.51 -28.59
C GLY B 78 22.21 -8.41 -27.40
N GLY B 79 22.71 -8.04 -26.22
CA GLY B 79 22.48 -8.84 -25.02
C GLY B 79 23.55 -9.91 -24.83
N GLN B 80 24.55 -9.92 -25.71
CA GLN B 80 25.66 -10.82 -25.52
C GLN B 80 26.50 -10.39 -24.31
N CYS B 81 26.86 -11.34 -23.47
CA CYS B 81 27.86 -11.09 -22.42
C CYS B 81 29.26 -10.97 -23.00
N VAL B 82 29.88 -9.80 -22.82
CA VAL B 82 31.18 -9.50 -23.47
C VAL B 82 32.32 -9.45 -22.47
N HIS B 83 32.01 -9.63 -21.18
CA HIS B 83 33.04 -9.68 -20.16
C HIS B 83 32.53 -10.28 -18.85
N ASN B 84 33.27 -11.26 -18.35
CA ASN B 84 33.06 -11.84 -17.03
C ASN B 84 34.37 -11.73 -16.23
N PRO B 85 34.41 -10.79 -15.26
CA PRO B 85 35.63 -10.53 -14.51
C PRO B 85 36.01 -11.59 -13.47
N HIS B 86 35.33 -12.75 -13.48
CA HIS B 86 35.45 -13.72 -12.39
C HIS B 86 36.10 -15.01 -12.85
N GLY B 87 36.88 -15.60 -11.95
CA GLY B 87 37.66 -16.78 -12.26
C GLY B 87 38.32 -16.64 -13.61
N ASN B 88 38.15 -17.64 -14.46
CA ASN B 88 38.86 -17.70 -15.74
C ASN B 88 38.16 -16.85 -16.81
N GLY B 89 37.11 -16.13 -16.41
CA GLY B 89 36.50 -15.13 -17.28
C GLY B 89 35.68 -15.74 -18.41
N ALA B 90 35.28 -16.99 -18.23
CA ALA B 90 34.50 -17.70 -19.24
C ALA B 90 33.12 -17.05 -19.38
N ARG B 91 32.63 -16.98 -20.61
CA ARG B 91 31.34 -16.39 -20.90
C ARG B 91 30.42 -17.41 -21.63
N PRO B 92 29.95 -18.43 -20.90
CA PRO B 92 28.94 -19.37 -21.38
C PRO B 92 27.69 -18.67 -21.90
N ALA B 93 26.97 -19.31 -22.80
CA ALA B 93 25.84 -18.65 -23.48
C ALA B 93 24.78 -18.32 -22.46
N SER B 94 24.90 -18.96 -21.30
CA SER B 94 23.87 -18.86 -20.28
C SER B 94 23.94 -17.48 -19.65
N LEU B 95 24.99 -16.73 -19.97
CA LEU B 95 25.18 -15.42 -19.36
C LEU B 95 24.62 -14.30 -20.23
N ASN B 96 24.07 -14.65 -21.38
CA ASN B 96 23.50 -13.64 -22.26
C ASN B 96 22.13 -13.22 -21.76
N VAL B 97 21.79 -11.96 -21.99
CA VAL B 97 20.52 -11.42 -21.58
C VAL B 97 19.68 -11.13 -22.85
N ARG B 98 18.37 -11.22 -22.71
CA ARG B 98 17.44 -10.85 -23.78
C ARG B 98 17.62 -9.38 -24.15
N SER B 99 17.72 -9.16 -25.45
CA SER B 99 17.73 -7.84 -26.07
C SER B 99 16.52 -7.70 -26.97
N PHE B 100 15.83 -6.57 -26.88
CA PHE B 100 14.58 -6.37 -27.61
C PHE B 100 14.79 -5.57 -28.90
N PRO B 101 13.99 -5.87 -29.95
CA PRO B 101 14.11 -5.08 -31.16
C PRO B 101 13.73 -3.62 -30.90
N VAL B 102 14.54 -2.69 -31.38
CA VAL B 102 14.37 -1.28 -31.07
C VAL B 102 14.52 -0.55 -32.38
N VAL B 103 13.69 0.45 -32.59
CA VAL B 103 13.86 1.31 -33.74
C VAL B 103 13.67 2.74 -33.28
N GLU B 104 14.64 3.58 -33.62
CA GLU B 104 14.55 5.01 -33.35
C GLU B 104 14.07 5.65 -34.63
N ARG B 105 12.85 6.18 -34.61
CA ARG B 105 12.25 6.79 -35.80
C ARG B 105 11.33 7.94 -35.39
N ASP B 106 11.32 9.04 -36.15
CA ASP B 106 10.38 10.13 -35.86
C ASP B 106 10.53 10.64 -34.42
N ALA B 107 11.76 10.68 -33.93
CA ALA B 107 12.03 11.17 -32.59
C ALA B 107 11.23 10.40 -31.55
N LEU B 108 11.06 9.11 -31.78
CA LEU B 108 10.48 8.19 -30.80
C LEU B 108 11.39 6.97 -30.74
N ILE B 109 11.37 6.29 -29.60
CA ILE B 109 12.04 5.00 -29.47
C ILE B 109 11.00 3.89 -29.41
N TRP B 110 10.94 3.07 -30.46
CA TRP B 110 9.94 2.02 -30.58
C TRP B 110 10.58 0.65 -30.24
N ILE B 111 9.88 -0.13 -29.41
CA ILE B 111 10.35 -1.45 -28.94
C ILE B 111 9.29 -2.50 -29.30
N TRP B 112 9.74 -3.67 -29.74
CA TRP B 112 8.89 -4.83 -29.91
C TRP B 112 9.01 -5.82 -28.73
N PRO B 113 8.02 -5.83 -27.83
CA PRO B 113 8.08 -6.68 -26.63
C PRO B 113 7.64 -8.14 -26.84
N GLY B 114 7.27 -8.48 -28.06
CA GLY B 114 6.66 -9.78 -28.34
C GLY B 114 7.62 -10.78 -28.95
N ASP B 115 7.06 -11.67 -29.77
CA ASP B 115 7.82 -12.70 -30.48
C ASP B 115 8.84 -12.07 -31.44
N PRO B 116 10.14 -12.16 -31.13
CA PRO B 116 11.08 -11.33 -31.84
C PRO B 116 11.15 -11.67 -33.32
N ALA B 117 10.78 -12.90 -33.69
CA ALA B 117 10.80 -13.33 -35.06
C ALA B 117 9.93 -12.43 -35.92
N LEU B 118 8.98 -11.75 -35.27
CA LEU B 118 7.83 -11.18 -35.98
C LEU B 118 7.96 -9.67 -36.12
N ALA B 119 9.00 -9.10 -35.54
CA ALA B 119 9.16 -7.64 -35.48
C ALA B 119 9.51 -7.03 -36.85
N ASP B 120 8.52 -6.49 -37.54
CA ASP B 120 8.73 -5.82 -38.82
C ASP B 120 8.71 -4.32 -38.65
N PRO B 121 9.88 -3.66 -38.85
CA PRO B 121 9.92 -2.23 -38.64
C PRO B 121 9.03 -1.51 -39.65
N GLY B 122 8.53 -2.23 -40.63
CA GLY B 122 7.71 -1.63 -41.67
C GLY B 122 6.34 -1.28 -41.11
N ALA B 123 6.02 -1.85 -39.96
CA ALA B 123 4.67 -1.72 -39.40
C ALA B 123 4.62 -0.62 -38.35
N ILE B 124 5.75 0.03 -38.13
CA ILE B 124 5.79 1.15 -37.20
C ILE B 124 4.98 2.29 -37.84
N PRO B 125 4.04 2.89 -37.08
CA PRO B 125 3.25 4.04 -37.55
C PRO B 125 4.06 5.29 -37.91
N ASP B 126 3.51 6.08 -38.83
CA ASP B 126 4.15 7.30 -39.35
C ASP B 126 3.81 8.50 -38.47
N PHE B 127 4.82 9.04 -37.78
CA PHE B 127 4.78 10.36 -37.16
C PHE B 127 5.88 11.25 -37.70
N GLY B 128 5.91 11.44 -39.01
CA GLY B 128 7.01 12.15 -39.66
C GLY B 128 7.08 13.65 -39.35
N CYS B 129 5.94 14.25 -39.03
CA CYS B 129 5.90 15.68 -38.67
C CYS B 129 6.89 16.00 -37.55
N ARG B 130 7.25 14.96 -36.78
CA ARG B 130 8.09 15.08 -35.59
C ARG B 130 9.56 15.31 -35.91
N VAL B 131 9.95 15.03 -37.15
CA VAL B 131 11.30 15.34 -37.60
C VAL B 131 11.26 16.09 -38.92
N ASP B 132 10.12 16.75 -39.17
CA ASP B 132 9.97 17.68 -40.26
C ASP B 132 10.42 19.09 -39.86
N PRO B 133 11.36 19.69 -40.64
CA PRO B 133 11.87 21.03 -40.43
C PRO B 133 10.83 22.14 -40.54
N ALA B 134 9.69 21.86 -41.19
CA ALA B 134 8.63 22.85 -41.32
C ALA B 134 7.74 22.88 -40.09
N TYR B 135 7.96 21.94 -39.18
CA TYR B 135 7.22 21.90 -37.92
C TYR B 135 8.14 22.14 -36.73
N ARG B 136 7.60 22.81 -35.72
CA ARG B 136 8.24 22.89 -34.41
C ARG B 136 7.56 21.95 -33.43
N THR B 137 8.32 20.98 -32.95
CA THR B 137 7.80 19.95 -32.07
C THR B 137 8.27 20.19 -30.64
N VAL B 138 7.31 20.12 -29.70
CA VAL B 138 7.61 20.13 -28.28
C VAL B 138 6.68 19.15 -27.55
N GLY B 139 7.21 18.44 -26.55
CA GLY B 139 6.38 17.65 -25.67
C GLY B 139 7.19 17.03 -24.55
N GLY B 140 6.87 15.77 -24.23
CA GLY B 140 7.34 15.15 -23.00
C GLY B 140 6.60 13.88 -22.62
N TYR B 141 6.85 13.43 -21.40
CA TYR B 141 6.40 12.14 -20.91
C TYR B 141 5.50 12.35 -19.69
N GLY B 142 4.41 11.60 -19.59
CA GLY B 142 3.67 11.47 -18.31
C GLY B 142 3.40 10.02 -17.91
N HIS B 143 3.48 9.72 -16.63
CA HIS B 143 3.03 8.44 -16.12
C HIS B 143 1.58 8.55 -15.65
N VAL B 144 0.73 7.58 -16.00
CA VAL B 144 -0.64 7.59 -15.48
C VAL B 144 -1.04 6.29 -14.78
N ASP B 145 -1.71 6.39 -13.65
CA ASP B 145 -2.20 5.20 -12.98
C ASP B 145 -3.58 4.81 -13.52
N CYS B 146 -3.65 4.50 -14.80
CA CYS B 146 -4.81 3.81 -15.33
C CYS B 146 -4.39 2.79 -16.37
N ASN B 147 -5.28 1.84 -16.62
CA ASN B 147 -5.19 1.03 -17.81
C ASN B 147 -5.18 1.91 -19.02
N TYR B 148 -4.26 1.62 -19.94
CA TYR B 148 -4.02 2.49 -21.06
C TYR B 148 -5.28 2.70 -21.90
N LYS B 149 -6.21 1.75 -21.87
CA LYS B 149 -7.35 1.85 -22.76
C LYS B 149 -8.28 2.98 -22.32
N LEU B 150 -8.27 3.31 -21.04
CA LEU B 150 -9.01 4.47 -20.55
C LEU B 150 -8.45 5.76 -21.13
N LEU B 151 -7.17 5.77 -21.48
CA LEU B 151 -6.58 6.97 -22.04
C LEU B 151 -6.72 7.00 -23.55
N VAL B 152 -6.83 5.84 -24.17
CA VAL B 152 -7.27 5.81 -25.55
C VAL B 152 -8.69 6.37 -25.70
N ASP B 153 -9.61 5.82 -24.92
CA ASP B 153 -10.95 6.40 -24.80
C ASP B 153 -10.93 7.94 -24.71
N ASN B 154 -10.21 8.46 -23.72
CA ASN B 154 -10.13 9.89 -23.53
C ASN B 154 -9.70 10.60 -24.82
N LEU B 155 -8.63 10.12 -25.44
CA LEU B 155 -8.06 10.76 -26.62
C LEU B 155 -8.91 10.61 -27.87
N MET B 156 -9.72 9.56 -27.93
CA MET B 156 -10.58 9.30 -29.08
C MET B 156 -11.96 9.98 -28.97
N ASP B 157 -12.32 10.41 -27.78
CA ASP B 157 -13.48 11.27 -27.65
C ASP B 157 -13.00 12.55 -27.06
N LEU B 158 -12.67 13.48 -27.93
CA LEU B 158 -12.07 14.72 -27.53
C LEU B 158 -13.15 15.78 -27.23
N GLY B 159 -14.43 15.42 -27.35
CA GLY B 159 -15.54 16.22 -26.74
C GLY B 159 -15.81 16.04 -25.23
N HIS B 160 -14.75 15.85 -24.46
CA HIS B 160 -14.75 16.07 -22.99
C HIS B 160 -14.06 17.38 -22.64
N ALA B 161 -13.05 17.73 -23.43
CA ALA B 161 -12.37 19.02 -23.31
C ALA B 161 -13.35 20.15 -23.05
N GLN B 162 -14.59 19.97 -23.48
CA GLN B 162 -15.66 20.92 -23.17
C GLN B 162 -15.89 21.06 -21.66
N TYR B 163 -15.64 19.98 -20.92
CA TYR B 163 -15.99 19.92 -19.51
C TYR B 163 -14.76 19.66 -18.65
N VAL B 164 -13.99 18.65 -19.01
CA VAL B 164 -12.70 18.45 -18.34
C VAL B 164 -11.76 19.65 -18.53
N HIS B 165 -11.82 20.28 -19.70
CA HIS B 165 -10.85 21.30 -20.06
C HIS B 165 -11.55 22.64 -20.28
N ARG B 166 -12.85 22.68 -19.97
CA ARG B 166 -13.53 23.91 -19.58
C ARG B 166 -12.73 25.18 -19.85
N ALA B 167 -11.57 25.30 -19.18
CA ALA B 167 -10.90 26.59 -19.02
C ALA B 167 -10.21 27.06 -20.29
N ASN B 168 -9.72 26.10 -21.07
CA ASN B 168 -8.90 26.36 -22.25
C ASN B 168 -9.66 26.06 -23.55
N ALA B 169 -10.50 25.04 -23.51
CA ALA B 169 -10.97 24.40 -24.74
C ALA B 169 -12.50 24.55 -24.85
N GLN B 170 -13.08 25.39 -24.01
CA GLN B 170 -14.51 25.67 -24.09
C GLN B 170 -14.84 26.37 -25.39
N THR B 171 -15.94 25.97 -26.02
CA THR B 171 -16.55 26.75 -27.11
C THR B 171 -18.07 26.62 -27.13
N ASP B 172 -18.76 27.72 -27.45
CA ASP B 172 -20.22 27.71 -27.51
C ASP B 172 -20.71 26.99 -28.76
N ALA B 173 -19.81 26.84 -29.73
CA ALA B 173 -20.08 26.08 -30.95
C ALA B 173 -20.42 24.59 -30.72
N PHE B 174 -20.10 24.08 -29.53
CA PHE B 174 -19.92 22.64 -29.34
C PHE B 174 -21.25 21.87 -29.32
N ASP B 175 -22.36 22.59 -29.24
CA ASP B 175 -23.67 22.00 -29.54
C ASP B 175 -23.90 21.91 -31.05
N ARG B 176 -23.02 22.54 -31.82
CA ARG B 176 -23.08 22.48 -33.29
C ARG B 176 -21.94 21.68 -33.89
N LEU B 177 -21.48 20.65 -33.19
CA LEU B 177 -20.41 19.79 -33.69
C LEU B 177 -20.93 18.89 -34.81
N GLU B 178 -20.00 18.33 -35.58
CA GLU B 178 -20.33 17.36 -36.62
C GLU B 178 -19.12 16.44 -36.80
N ARG B 179 -19.29 15.15 -36.51
CA ARG B 179 -18.14 14.26 -36.28
C ARG B 179 -18.14 12.99 -37.16
N GLU B 180 -17.24 12.95 -38.14
CA GLU B 180 -17.21 11.86 -39.13
C GLU B 180 -16.17 10.82 -38.74
N VAL B 181 -16.52 9.54 -38.87
CA VAL B 181 -15.62 8.47 -38.48
C VAL B 181 -15.31 7.59 -39.67
N ILE B 182 -14.02 7.45 -39.94
CA ILE B 182 -13.55 6.58 -41.03
C ILE B 182 -12.70 5.45 -40.48
N VAL B 183 -13.03 4.23 -40.89
CA VAL B 183 -12.29 3.06 -40.44
C VAL B 183 -11.58 2.41 -41.63
N GLY B 184 -10.25 2.29 -41.53
CA GLY B 184 -9.46 1.49 -42.46
C GLY B 184 -8.92 0.27 -41.74
N ASP B 185 -7.96 -0.43 -42.34
CA ASP B 185 -7.36 -1.59 -41.70
C ASP B 185 -6.40 -1.12 -40.60
N GLY B 186 -6.76 -1.38 -39.35
CA GLY B 186 -5.89 -1.04 -38.21
C GLY B 186 -5.67 0.46 -38.09
N GLU B 187 -6.53 1.22 -38.74
CA GLU B 187 -6.50 2.69 -38.63
C GLU B 187 -7.93 3.20 -38.61
N ILE B 188 -8.18 4.13 -37.70
CA ILE B 188 -9.48 4.77 -37.55
C ILE B 188 -9.25 6.26 -37.39
N GLN B 189 -10.01 7.06 -38.12
CA GLN B 189 -9.96 8.50 -37.97
C GLN B 189 -11.34 9.00 -37.54
N ALA B 190 -11.37 9.75 -36.45
CA ALA B 190 -12.46 10.67 -36.21
C ALA B 190 -12.12 12.07 -36.75
N LEU B 191 -12.92 12.53 -37.70
CA LEU B 191 -12.85 13.91 -38.17
C LEU B 191 -13.87 14.76 -37.43
N MET B 192 -13.60 16.07 -37.37
CA MET B 192 -14.60 17.03 -36.93
C MET B 192 -14.25 18.45 -37.35
N LYS B 193 -15.25 19.16 -37.85
CA LYS B 193 -15.15 20.58 -38.16
C LYS B 193 -16.16 21.35 -37.32
N ILE B 194 -15.66 22.25 -36.48
CA ILE B 194 -16.52 22.98 -35.53
C ILE B 194 -16.74 24.40 -36.03
N PRO B 195 -17.76 24.60 -36.89
CA PRO B 195 -17.79 25.76 -37.76
C PRO B 195 -18.38 26.98 -37.06
N GLY B 196 -18.00 28.17 -37.52
CA GLY B 196 -18.80 29.36 -37.32
C GLY B 196 -18.61 30.01 -35.96
N GLY B 197 -17.97 29.30 -35.04
CA GLY B 197 -17.95 29.70 -33.63
C GLY B 197 -16.80 30.62 -33.29
N THR B 198 -16.96 31.40 -32.23
CA THR B 198 -15.83 32.10 -31.63
C THR B 198 -14.84 31.09 -31.03
N PRO B 199 -13.56 31.47 -30.98
CA PRO B 199 -12.48 30.58 -30.56
C PRO B 199 -12.40 30.36 -29.05
N SER B 200 -12.04 29.15 -28.65
CA SER B 200 -11.66 28.88 -27.27
C SER B 200 -10.41 29.67 -26.86
N VAL B 201 -10.20 29.81 -25.56
CA VAL B 201 -8.96 30.39 -25.04
C VAL B 201 -7.76 29.92 -25.84
N LEU B 202 -7.70 28.62 -26.12
CA LEU B 202 -6.49 27.98 -26.64
C LEU B 202 -6.26 28.45 -28.08
N MET B 203 -7.35 28.49 -28.85
CA MET B 203 -7.27 28.74 -30.27
C MET B 203 -7.00 30.21 -30.53
N ALA B 204 -7.47 31.05 -29.61
CA ALA B 204 -7.18 32.48 -29.65
C ALA B 204 -5.70 32.73 -29.36
N LYS B 205 -5.16 31.99 -28.39
CA LYS B 205 -3.75 32.11 -28.02
C LYS B 205 -2.82 31.77 -29.19
N PHE B 206 -3.22 30.82 -30.03
CA PHE B 206 -2.86 30.88 -31.44
C PHE B 206 -4.09 30.96 -32.33
N PRO B 213 -16.54 34.22 -35.60
CA PRO B 213 -16.09 33.85 -36.92
C PRO B 213 -14.67 33.30 -36.91
N VAL B 214 -14.48 32.12 -36.33
CA VAL B 214 -13.47 31.17 -36.79
C VAL B 214 -14.05 29.76 -37.00
N ASP B 215 -13.49 29.04 -37.96
CA ASP B 215 -13.69 27.59 -38.06
C ASP B 215 -12.56 26.83 -37.37
N ALA B 216 -12.88 25.69 -36.76
CA ALA B 216 -11.86 24.86 -36.14
C ALA B 216 -12.15 23.36 -36.33
N TRP B 217 -11.12 22.54 -36.14
CA TRP B 217 -11.13 21.13 -36.51
C TRP B 217 -10.24 20.35 -35.56
N ASN B 218 -10.82 19.40 -34.83
CA ASN B 218 -10.07 18.34 -34.17
C ASN B 218 -10.32 17.02 -34.90
N ASP B 219 -9.32 16.57 -35.65
CA ASP B 219 -9.27 15.21 -36.14
C ASP B 219 -8.29 14.43 -35.31
N ILE B 220 -8.48 13.13 -35.24
CA ILE B 220 -7.50 12.26 -34.62
C ILE B 220 -7.42 10.93 -35.38
N ARG B 221 -6.19 10.48 -35.57
CA ARG B 221 -5.90 9.19 -36.19
C ARG B 221 -5.41 8.25 -35.09
N TRP B 222 -6.03 7.09 -35.01
CA TRP B 222 -5.54 5.98 -34.20
C TRP B 222 -4.89 4.94 -35.13
N ASN B 223 -3.71 4.44 -34.77
CA ASN B 223 -3.20 3.15 -35.27
C ASN B 223 -3.03 2.14 -34.15
N LYS B 224 -3.30 0.87 -34.45
CA LYS B 224 -3.05 -0.16 -33.46
C LYS B 224 -1.59 -0.06 -33.00
N VAL B 225 -1.31 -0.44 -31.75
CA VAL B 225 -2.32 -0.71 -30.74
C VAL B 225 -2.92 0.57 -30.12
N SER B 226 -2.09 1.56 -29.84
CA SER B 226 -2.51 2.70 -29.02
C SER B 226 -1.64 3.92 -29.32
N ALA B 227 -1.48 4.18 -30.63
CA ALA B 227 -0.67 5.29 -31.15
C ALA B 227 -1.59 6.25 -31.90
N MET B 228 -1.62 7.51 -31.47
CA MET B 228 -2.58 8.45 -32.05
C MET B 228 -1.89 9.74 -32.49
N LEU B 229 -2.38 10.27 -33.61
CA LEU B 229 -1.91 11.55 -34.15
C LEU B 229 -3.14 12.37 -34.40
N ASN B 230 -3.21 13.55 -33.78
CA ASN B 230 -4.36 14.44 -33.97
C ASN B 230 -4.03 15.63 -34.86
N PHE B 231 -5.08 16.36 -35.23
CA PHE B 231 -4.95 17.51 -36.11
C PHE B 231 -5.85 18.61 -35.57
N ILE B 232 -5.22 19.67 -35.08
CA ILE B 232 -5.91 20.74 -34.42
C ILE B 232 -5.56 21.98 -35.22
N ALA B 233 -6.56 22.56 -35.87
CA ALA B 233 -6.31 23.67 -36.77
C ALA B 233 -7.39 24.73 -36.59
N VAL B 234 -7.12 25.92 -37.10
CA VAL B 234 -8.04 27.04 -36.91
C VAL B 234 -7.66 28.17 -37.84
N ALA B 235 -8.66 28.88 -38.32
CA ALA B 235 -8.56 29.65 -39.55
C ALA B 235 -9.82 30.50 -39.69
N PRO B 236 -9.67 31.73 -40.17
CA PRO B 236 -10.85 32.60 -40.30
C PRO B 236 -11.99 31.91 -41.05
N GLU B 237 -13.11 31.66 -40.36
CA GLU B 237 -14.36 31.29 -41.02
C GLU B 237 -14.26 31.55 -42.52
N GLY B 238 -14.36 30.47 -43.30
CA GLY B 238 -14.38 30.57 -44.77
C GLY B 238 -13.16 29.93 -45.40
N THR B 239 -12.14 29.67 -44.60
CA THR B 239 -10.84 29.22 -45.11
C THR B 239 -10.78 27.70 -45.30
N PRO B 240 -10.17 27.25 -46.42
CA PRO B 240 -9.72 25.89 -46.69
C PRO B 240 -8.94 25.21 -45.55
N LYS B 241 -9.41 24.04 -45.14
CA LYS B 241 -8.80 23.27 -44.04
C LYS B 241 -7.29 23.07 -44.22
N GLU B 242 -6.85 23.06 -45.47
CA GLU B 242 -5.50 22.56 -45.79
C GLU B 242 -4.48 23.71 -45.76
N GLN B 243 -5.00 24.95 -45.73
CA GLN B 243 -4.14 26.14 -45.63
C GLN B 243 -4.14 26.71 -44.21
N SER B 244 -4.66 25.96 -43.26
CA SER B 244 -4.75 26.42 -41.87
C SER B 244 -3.36 26.48 -41.23
N ILE B 245 -3.24 27.26 -40.17
CA ILE B 245 -2.24 26.99 -39.15
C ILE B 245 -2.76 25.89 -38.24
N HIS B 246 -1.87 24.97 -37.86
CA HIS B 246 -2.31 23.79 -37.12
C HIS B 246 -1.19 23.19 -36.29
N SER B 247 -1.59 22.38 -35.30
CA SER B 247 -0.68 21.49 -34.60
C SER B 247 -1.05 20.03 -34.89
N ARG B 248 -0.02 19.23 -35.14
CA ARG B 248 -0.18 17.78 -35.23
C ARG B 248 0.30 17.16 -33.92
N GLY B 249 -0.62 16.54 -33.20
CA GLY B 249 -0.38 16.19 -31.81
C GLY B 249 -0.03 14.72 -31.68
N THR B 250 1.14 14.44 -31.13
CA THR B 250 1.54 13.08 -30.84
C THR B 250 0.88 12.66 -29.53
N HIS B 251 0.07 11.61 -29.56
CA HIS B 251 -0.54 11.08 -28.33
C HIS B 251 -0.42 9.55 -28.28
N ILE B 252 0.63 9.06 -27.64
CA ILE B 252 1.01 7.67 -27.80
C ILE B 252 1.08 7.06 -26.40
N LEU B 253 0.39 5.94 -26.24
CA LEU B 253 0.32 5.25 -24.97
C LEU B 253 1.01 3.91 -25.03
N THR B 254 1.68 3.57 -23.93
CA THR B 254 2.26 2.24 -23.76
C THR B 254 1.85 1.72 -22.39
N PRO B 255 1.25 0.50 -22.35
CA PRO B 255 0.93 -0.08 -21.07
C PRO B 255 2.18 -0.29 -20.27
N GLU B 256 2.09 -0.03 -18.97
CA GLU B 256 3.17 -0.35 -18.06
C GLU B 256 2.83 -1.62 -17.30
N THR B 257 1.77 -1.53 -16.50
CA THR B 257 1.15 -2.69 -15.91
C THR B 257 -0.29 -2.72 -16.37
N GLU B 258 -1.05 -3.71 -15.94
CA GLU B 258 -2.46 -3.76 -16.32
C GLU B 258 -3.21 -2.48 -15.91
N ALA B 259 -2.74 -1.79 -14.85
CA ALA B 259 -3.48 -0.64 -14.32
C ALA B 259 -2.69 0.66 -14.33
N SER B 260 -1.62 0.71 -15.13
CA SER B 260 -0.84 1.94 -15.28
C SER B 260 -0.28 2.01 -16.67
N CYS B 261 0.02 3.22 -17.14
CA CYS B 261 0.61 3.38 -18.47
C CYS B 261 1.56 4.54 -18.61
N HIS B 262 2.26 4.54 -19.74
CA HIS B 262 3.16 5.60 -20.15
C HIS B 262 2.48 6.43 -21.24
N TYR B 263 2.63 7.75 -21.15
CA TYR B 263 1.99 8.67 -22.11
C TYR B 263 3.08 9.56 -22.69
N PHE B 264 3.27 9.48 -24.01
CA PHE B 264 4.16 10.37 -24.73
C PHE B 264 3.35 11.36 -25.57
N PHE B 265 3.45 12.63 -25.22
CA PHE B 265 2.65 13.64 -25.92
C PHE B 265 3.57 14.65 -26.59
N GLY B 266 3.08 15.26 -27.64
CA GLY B 266 3.85 16.31 -28.29
C GLY B 266 2.92 17.17 -29.10
N SER B 267 3.41 18.36 -29.46
CA SER B 267 2.81 19.20 -30.49
C SER B 267 3.85 19.41 -31.59
N SER B 268 3.45 19.14 -32.82
CA SER B 268 4.22 19.58 -33.99
C SER B 268 3.42 20.64 -34.73
N ARG B 269 3.85 21.89 -34.61
CA ARG B 269 3.07 23.00 -35.18
C ARG B 269 3.76 23.61 -36.39
N ASN B 270 2.95 24.10 -37.32
CA ASN B 270 3.47 24.74 -38.54
C ASN B 270 3.48 26.27 -38.47
N PHE B 271 3.30 26.82 -37.28
CA PHE B 271 3.19 28.26 -37.12
C PHE B 271 3.98 28.74 -35.91
N GLY B 272 4.58 29.92 -36.02
CA GLY B 272 5.22 30.59 -34.89
C GLY B 272 6.47 29.86 -34.44
N ILE B 273 7.17 29.26 -35.40
CA ILE B 273 7.95 28.07 -35.11
C ILE B 273 9.34 28.43 -34.58
N ASP B 274 9.70 29.71 -34.67
CA ASP B 274 10.86 30.25 -33.97
C ASP B 274 10.48 30.88 -32.62
N ASP B 275 9.21 30.70 -32.23
CA ASP B 275 8.56 31.62 -31.31
C ASP B 275 8.44 30.95 -29.93
N PRO B 276 9.19 31.46 -28.95
CA PRO B 276 9.30 30.76 -27.67
C PRO B 276 8.09 30.96 -26.77
N GLU B 277 7.38 32.07 -26.94
CA GLU B 277 6.09 32.25 -26.25
C GLU B 277 5.14 31.14 -26.65
N MET B 278 5.11 30.82 -27.94
CA MET B 278 4.26 29.76 -28.44
C MET B 278 4.63 28.40 -27.84
N ASP B 279 5.92 28.13 -27.73
CA ASP B 279 6.38 26.99 -26.94
C ASP B 279 5.74 26.99 -25.54
N GLY B 280 5.78 28.15 -24.88
CA GLY B 280 5.13 28.32 -23.58
C GLY B 280 3.66 27.91 -23.53
N VAL B 281 2.84 28.50 -24.40
CA VAL B 281 1.41 28.19 -24.44
C VAL B 281 1.17 26.68 -24.61
N LEU B 282 1.90 26.09 -25.54
CA LEU B 282 1.71 24.68 -25.85
C LEU B 282 2.17 23.74 -24.74
N ARG B 283 3.28 24.08 -24.10
CA ARG B 283 3.75 23.31 -22.96
C ARG B 283 2.85 23.51 -21.75
N SER B 284 2.24 24.69 -21.65
CA SER B 284 1.30 24.98 -20.58
C SER B 284 0.01 24.18 -20.71
N TRP B 285 -0.57 24.16 -21.90
CA TRP B 285 -1.72 23.29 -22.18
C TRP B 285 -1.44 21.83 -21.81
N GLN B 286 -0.33 21.30 -22.33
CA GLN B 286 0.08 19.93 -22.03
C GLN B 286 0.18 19.62 -20.54
N ALA B 287 0.61 20.60 -19.76
CA ALA B 287 0.85 20.40 -18.33
C ALA B 287 -0.50 20.31 -17.63
N GLN B 288 -1.35 21.29 -17.91
CA GLN B 288 -2.65 21.41 -17.26
C GLN B 288 -3.64 20.38 -17.82
N ALA B 289 -3.84 20.40 -19.14
CA ALA B 289 -4.84 19.55 -19.78
C ALA B 289 -4.44 18.09 -19.68
N LEU B 290 -3.31 17.76 -20.29
CA LEU B 290 -2.95 16.37 -20.46
C LEU B 290 -2.48 15.78 -19.11
N VAL B 291 -1.32 16.21 -18.64
CA VAL B 291 -0.73 15.65 -17.41
C VAL B 291 -1.24 16.28 -16.12
N LYS B 292 -2.56 16.37 -15.97
CA LYS B 292 -3.15 16.87 -14.72
C LYS B 292 -4.65 16.64 -14.68
N GLU B 293 -5.38 17.36 -15.53
CA GLU B 293 -6.85 17.27 -15.63
C GLU B 293 -7.35 15.91 -16.16
N ASP B 294 -6.78 15.45 -17.27
CA ASP B 294 -7.13 14.14 -17.82
C ASP B 294 -6.65 13.02 -16.91
N LYS B 295 -5.41 13.11 -16.45
CA LYS B 295 -4.90 12.30 -15.36
C LYS B 295 -5.94 12.06 -14.25
N VAL B 296 -6.49 13.13 -13.71
CA VAL B 296 -7.40 13.03 -12.57
C VAL B 296 -8.60 12.14 -12.90
N VAL B 297 -9.15 12.33 -14.09
CA VAL B 297 -10.39 11.65 -14.45
C VAL B 297 -10.16 10.16 -14.70
N VAL B 298 -9.14 9.84 -15.47
CA VAL B 298 -8.90 8.43 -15.81
C VAL B 298 -8.41 7.61 -14.62
N GLU B 299 -7.62 8.21 -13.72
CA GLU B 299 -7.21 7.51 -12.53
C GLU B 299 -8.40 7.31 -11.61
N ALA B 300 -9.32 8.27 -11.60
CA ALA B 300 -10.56 8.12 -10.85
C ALA B 300 -11.36 6.93 -11.38
N ILE B 301 -11.48 6.82 -12.69
CA ILE B 301 -12.23 5.71 -13.29
C ILE B 301 -11.56 4.36 -13.00
N GLU B 302 -10.23 4.31 -13.01
CA GLU B 302 -9.52 3.07 -12.72
C GLU B 302 -9.90 2.54 -11.33
N ARG B 303 -10.10 3.44 -10.39
CA ARG B 303 -10.32 3.05 -9.01
C ARG B 303 -11.70 2.42 -8.87
N ARG B 304 -12.55 2.69 -9.86
CA ARG B 304 -13.94 2.23 -9.86
C ARG B 304 -14.12 0.92 -10.64
N ARG B 305 -13.03 0.44 -11.23
CA ARG B 305 -13.08 -0.79 -12.02
C ARG B 305 -13.56 -1.98 -11.18
N ALA B 306 -13.06 -2.10 -9.95
CA ALA B 306 -13.42 -3.22 -9.10
C ALA B 306 -14.92 -3.33 -8.96
N TYR B 307 -15.57 -2.20 -8.74
CA TYR B 307 -16.98 -2.21 -8.42
C TYR B 307 -17.76 -2.54 -9.68
N VAL B 308 -17.35 -1.91 -10.77
CA VAL B 308 -18.01 -2.07 -12.07
C VAL B 308 -17.94 -3.51 -12.53
N GLU B 309 -16.77 -4.12 -12.39
CA GLU B 309 -16.61 -5.50 -12.79
C GLU B 309 -17.36 -6.43 -11.84
N ALA B 310 -17.29 -6.16 -10.55
CA ALA B 310 -17.92 -7.05 -9.58
C ALA B 310 -19.44 -7.01 -9.77
N ASN B 311 -19.93 -5.89 -10.26
CA ASN B 311 -21.36 -5.69 -10.37
C ASN B 311 -21.90 -5.76 -11.80
N GLY B 312 -21.00 -6.01 -12.76
CA GLY B 312 -21.42 -6.34 -14.12
C GLY B 312 -22.05 -5.15 -14.80
N ILE B 313 -21.48 -3.98 -14.54
CA ILE B 313 -21.97 -2.75 -15.09
C ILE B 313 -21.26 -2.55 -16.41
N ARG B 314 -22.04 -2.23 -17.44
CA ARG B 314 -21.50 -1.88 -18.73
C ARG B 314 -21.86 -0.44 -19.02
N PRO B 315 -21.05 0.25 -19.83
CA PRO B 315 -21.23 1.66 -20.01
C PRO B 315 -22.36 1.94 -20.97
N ALA B 316 -22.90 3.13 -20.85
CA ALA B 316 -24.00 3.55 -21.67
C ALA B 316 -23.44 4.57 -22.64
N MET B 317 -23.53 4.31 -23.94
CA MET B 317 -22.79 5.11 -24.90
C MET B 317 -23.67 6.26 -25.41
N LEU B 318 -23.00 7.32 -25.89
CA LEU B 318 -23.65 8.57 -26.29
C LEU B 318 -23.23 8.85 -27.71
N SER B 319 -23.71 9.97 -28.27
CA SER B 319 -23.50 10.29 -29.68
C SER B 319 -22.07 10.64 -30.02
N CYS B 320 -21.27 10.95 -28.99
CA CYS B 320 -19.87 11.31 -29.20
C CYS B 320 -18.91 10.12 -29.26
N ASP B 321 -19.45 8.91 -29.12
CA ASP B 321 -18.67 7.76 -28.64
C ASP B 321 -18.25 6.78 -29.74
N GLU B 322 -18.64 7.06 -30.98
CA GLU B 322 -18.42 6.08 -32.05
C GLU B 322 -16.95 5.74 -32.24
N ALA B 323 -16.12 6.74 -32.50
CA ALA B 323 -14.70 6.49 -32.77
C ALA B 323 -14.05 5.67 -31.66
N ALA B 324 -14.32 6.07 -30.42
CA ALA B 324 -13.65 5.49 -29.25
C ALA B 324 -14.09 4.04 -29.12
N VAL B 325 -15.38 3.80 -29.36
CA VAL B 325 -15.94 2.45 -29.32
C VAL B 325 -15.34 1.53 -30.41
N ARG B 326 -15.21 2.03 -31.63
CA ARG B 326 -14.64 1.23 -32.71
C ARG B 326 -13.20 0.91 -32.42
N VAL B 327 -12.47 1.87 -31.88
CA VAL B 327 -11.10 1.63 -31.50
C VAL B 327 -11.01 0.57 -30.37
N SER B 328 -11.77 0.77 -29.31
CA SER B 328 -11.86 -0.19 -28.22
C SER B 328 -12.12 -1.61 -28.73
N ARG B 329 -13.06 -1.73 -29.66
CA ARG B 329 -13.42 -3.04 -30.19
C ARG B 329 -12.27 -3.66 -30.97
N GLU B 330 -11.43 -2.83 -31.57
CA GLU B 330 -10.30 -3.38 -32.32
C GLU B 330 -9.20 -3.85 -31.37
N ILE B 331 -8.93 -3.08 -30.33
CA ILE B 331 -7.95 -3.52 -29.32
C ILE B 331 -8.37 -4.84 -28.68
N GLU B 332 -9.64 -4.95 -28.29
CA GLU B 332 -10.11 -6.17 -27.67
C GLU B 332 -9.95 -7.32 -28.63
N LYS B 333 -10.29 -7.07 -29.90
CA LYS B 333 -10.10 -8.06 -30.94
C LYS B 333 -8.63 -8.58 -30.93
N LEU B 334 -7.68 -7.68 -31.18
CA LEU B 334 -6.25 -8.03 -31.11
C LEU B 334 -5.87 -8.77 -29.81
N GLU B 335 -6.41 -8.30 -28.70
CA GLU B 335 -6.07 -8.86 -27.40
C GLU B 335 -6.51 -10.31 -27.27
N GLN B 336 -7.75 -10.59 -27.66
CA GLN B 336 -8.26 -11.94 -27.60
C GLN B 336 -7.62 -12.83 -28.68
N LEU B 337 -7.47 -12.29 -29.89
CA LEU B 337 -6.74 -13.00 -30.95
C LEU B 337 -5.44 -13.61 -30.42
N GLU B 338 -4.68 -12.82 -29.66
CA GLU B 338 -3.34 -13.22 -29.21
C GLU B 338 -3.42 -14.26 -28.09
N ALA B 339 -4.39 -14.09 -27.20
CA ALA B 339 -4.69 -15.07 -26.16
C ALA B 339 -5.11 -16.43 -26.74
N ALA B 340 -5.77 -16.42 -27.89
CA ALA B 340 -5.69 -17.56 -28.82
C ALA B 340 -4.23 -17.93 -29.00
N ARG B 341 -3.72 -18.72 -28.06
CA ARG B 341 -2.27 -18.84 -27.85
C ARG B 341 -1.51 -18.23 -29.02
N ALA C 2 4.63 -18.22 2.32
CA ALA C 2 5.87 -18.26 3.14
C ALA C 2 6.41 -19.67 3.21
N THR C 3 7.59 -19.89 2.63
CA THR C 3 8.37 -21.08 2.94
C THR C 3 9.62 -20.75 3.77
N PHE C 4 9.55 -21.08 5.06
CA PHE C 4 10.66 -20.88 6.00
C PHE C 4 11.17 -22.22 6.53
N VAL C 5 12.37 -22.23 7.09
CA VAL C 5 12.84 -23.34 7.91
C VAL C 5 12.63 -22.95 9.37
N ARG C 6 11.59 -23.51 9.98
CA ARG C 6 11.10 -23.00 11.27
C ARG C 6 11.84 -23.72 12.38
N ASN C 7 12.29 -24.94 12.08
CA ASN C 7 13.00 -25.75 13.05
C ASN C 7 14.46 -25.40 13.12
N ALA C 8 14.72 -24.22 13.65
CA ALA C 8 16.08 -23.76 13.79
C ALA C 8 16.09 -22.56 14.72
N TRP C 9 17.26 -22.29 15.27
CA TRP C 9 17.49 -21.11 16.07
C TRP C 9 17.76 -19.89 15.19
N TYR C 10 17.03 -18.82 15.46
CA TYR C 10 17.20 -17.57 14.76
C TYR C 10 17.46 -16.47 15.81
N VAL C 11 18.28 -15.48 15.50
CA VAL C 11 18.37 -14.26 16.32
C VAL C 11 17.18 -13.31 16.15
N ALA C 12 16.53 -12.96 17.26
CA ALA C 12 15.30 -12.13 17.20
C ALA C 12 15.61 -10.70 17.55
N ALA C 13 16.66 -10.50 18.33
CA ALA C 13 17.02 -9.18 18.81
C ALA C 13 18.47 -9.21 19.28
N LEU C 14 19.08 -8.03 19.40
CA LEU C 14 20.29 -7.85 20.20
C LEU C 14 19.88 -7.52 21.63
N PRO C 15 20.69 -7.93 22.62
CA PRO C 15 20.20 -7.79 24.00
C PRO C 15 19.94 -6.32 24.37
N GLU C 16 20.71 -5.40 23.79
CA GLU C 16 20.55 -3.98 24.06
C GLU C 16 19.25 -3.39 23.51
N GLU C 17 18.52 -4.15 22.69
CA GLU C 17 17.22 -3.69 22.16
C GLU C 17 16.08 -3.97 23.14
N LEU C 18 16.36 -4.81 24.13
CA LEU C 18 15.33 -5.38 24.98
C LEU C 18 15.39 -4.76 26.38
N SER C 19 14.23 -4.60 27.00
CA SER C 19 14.13 -3.97 28.30
C SER C 19 12.80 -4.38 28.87
N GLU C 20 12.37 -3.70 29.93
CA GLU C 20 11.07 -3.98 30.50
C GLU C 20 9.94 -3.37 29.68
N LYS C 21 10.30 -2.59 28.65
CA LYS C 21 9.31 -2.16 27.66
C LYS C 21 9.44 -3.10 26.47
N PRO C 22 8.38 -3.88 26.21
CA PRO C 22 8.44 -4.90 25.18
C PRO C 22 8.73 -4.34 23.79
N LEU C 23 9.43 -5.14 23.00
CA LEU C 23 9.69 -4.84 21.62
C LEU C 23 8.80 -5.77 20.83
N GLY C 24 8.05 -5.22 19.89
CA GLY C 24 7.28 -6.07 18.98
C GLY C 24 8.04 -6.27 17.68
N ARG C 25 8.29 -7.53 17.31
CA ARG C 25 9.04 -7.84 16.11
C ARG C 25 8.55 -9.17 15.54
N THR C 26 8.41 -9.20 14.22
CA THR C 26 7.93 -10.38 13.50
C THR C 26 9.13 -11.14 12.96
N ILE C 27 9.18 -12.42 13.23
CA ILE C 27 10.16 -13.29 12.61
C ILE C 27 9.43 -14.50 12.00
N LEU C 28 9.76 -14.81 10.75
CA LEU C 28 9.10 -15.88 10.02
C LEU C 28 7.57 -15.78 10.13
N ASP C 29 7.05 -14.57 9.89
CA ASP C 29 5.61 -14.31 9.83
C ASP C 29 4.91 -14.59 11.15
N THR C 30 5.68 -14.55 12.23
CA THR C 30 5.17 -14.81 13.59
C THR C 30 5.54 -13.62 14.45
N PRO C 31 4.53 -12.88 14.93
CA PRO C 31 4.76 -11.69 15.73
C PRO C 31 5.03 -12.00 17.19
N LEU C 32 6.11 -11.42 17.69
CA LEU C 32 6.66 -11.75 18.99
C LEU C 32 6.61 -10.52 19.85
N ALA C 33 6.36 -10.70 21.16
CA ALA C 33 6.62 -9.67 22.15
C ALA C 33 7.89 -10.09 22.91
N LEU C 34 8.90 -9.23 22.87
CA LEU C 34 10.21 -9.54 23.44
C LEU C 34 10.51 -8.57 24.55
N TYR C 35 10.79 -9.09 25.73
CA TYR C 35 11.08 -8.22 26.87
C TYR C 35 11.95 -8.92 27.89
N ARG C 36 12.49 -8.11 28.80
CA ARG C 36 13.26 -8.57 29.95
C ARG C 36 12.41 -8.48 31.21
N GLN C 37 12.35 -9.58 31.95
CA GLN C 37 11.64 -9.62 33.20
C GLN C 37 12.52 -8.92 34.24
N PRO C 38 11.97 -8.62 35.41
CA PRO C 38 12.74 -7.89 36.40
C PRO C 38 14.04 -8.58 36.86
N ASP C 39 14.09 -9.91 36.82
CA ASP C 39 15.33 -10.63 37.09
C ASP C 39 16.29 -10.66 35.91
N GLY C 40 15.95 -9.95 34.83
CA GLY C 40 16.83 -9.82 33.68
C GLY C 40 16.64 -10.86 32.59
N VAL C 41 15.82 -11.87 32.85
CA VAL C 41 15.64 -12.96 31.88
C VAL C 41 14.67 -12.58 30.77
N VAL C 42 15.10 -12.82 29.53
CA VAL C 42 14.31 -12.45 28.36
C VAL C 42 13.17 -13.44 28.14
N ALA C 43 11.98 -12.89 27.86
CA ALA C 43 10.80 -13.69 27.53
C ALA C 43 10.38 -13.35 26.13
N ALA C 44 9.89 -14.36 25.41
CA ALA C 44 9.39 -14.17 24.04
C ALA C 44 7.98 -14.74 23.92
N LEU C 45 6.97 -13.88 23.84
CA LEU C 45 5.62 -14.38 23.73
C LEU C 45 5.06 -14.09 22.35
N LEU C 46 4.15 -14.93 21.91
CA LEU C 46 3.39 -14.64 20.71
C LEU C 46 2.66 -13.34 20.94
N ASP C 47 2.77 -12.42 19.98
CA ASP C 47 2.32 -11.07 20.21
C ASP C 47 0.84 -10.94 19.88
N ILE C 48 0.04 -11.79 20.49
CA ILE C 48 -1.39 -11.85 20.20
C ILE C 48 -2.10 -12.35 21.45
N CYS C 49 -2.80 -11.45 22.15
CA CYS C 49 -3.50 -11.86 23.37
C CYS C 49 -4.58 -12.92 23.05
N PRO C 50 -4.62 -13.99 23.85
CA PRO C 50 -5.59 -15.07 23.76
C PRO C 50 -7.04 -14.64 23.86
N HIS C 51 -7.30 -13.53 24.56
CA HIS C 51 -8.66 -13.04 24.74
C HIS C 51 -9.20 -12.51 23.41
N ARG C 52 -8.69 -11.38 22.94
CA ARG C 52 -9.17 -10.79 21.71
C ARG C 52 -8.07 -10.29 20.78
N PHE C 53 -6.85 -10.78 21.01
CA PHE C 53 -5.76 -10.72 20.02
C PHE C 53 -5.01 -9.41 19.97
N ALA C 54 -5.24 -8.54 20.96
CA ALA C 54 -4.43 -7.32 21.09
C ALA C 54 -2.93 -7.68 21.19
N PRO C 55 -2.06 -6.73 20.82
CA PRO C 55 -0.60 -6.81 20.91
C PRO C 55 -0.12 -6.65 22.32
N LEU C 56 0.27 -7.76 22.95
CA LEU C 56 0.92 -7.71 24.23
C LEU C 56 2.11 -6.74 24.28
N SER C 57 2.76 -6.52 23.14
CA SER C 57 3.97 -5.69 23.08
C SER C 57 3.65 -4.21 23.26
N ASP C 58 2.37 -3.86 23.23
CA ASP C 58 1.93 -2.51 23.53
C ASP C 58 1.62 -2.41 25.01
N GLY C 59 1.78 -3.51 25.74
CA GLY C 59 1.55 -3.53 27.18
C GLY C 59 2.73 -3.08 28.02
N ILE C 60 2.52 -2.99 29.33
CA ILE C 60 3.58 -2.72 30.28
C ILE C 60 3.65 -3.86 31.30
N LEU C 61 4.77 -3.96 32.01
CA LEU C 61 4.86 -4.91 33.10
C LEU C 61 4.06 -4.48 34.32
N VAL C 62 3.43 -5.45 34.97
CA VAL C 62 2.81 -5.25 36.25
C VAL C 62 3.35 -6.31 37.20
N ASN C 63 4.02 -5.85 38.25
CA ASN C 63 4.70 -6.77 39.14
C ASN C 63 5.44 -7.85 38.35
N GLY C 64 6.17 -7.44 37.32
CA GLY C 64 7.02 -8.37 36.57
C GLY C 64 6.30 -9.15 35.50
N HIS C 65 4.99 -8.95 35.41
CA HIS C 65 4.21 -9.67 34.43
C HIS C 65 3.70 -8.70 33.37
N LEU C 66 3.89 -9.09 32.11
CA LEU C 66 3.37 -8.32 31.01
C LEU C 66 1.85 -8.33 31.05
N GLN C 67 1.28 -7.13 31.07
CA GLN C 67 -0.16 -6.90 31.09
C GLN C 67 -0.66 -6.55 29.69
N CYS C 68 -1.71 -7.23 29.25
CA CYS C 68 -2.34 -6.88 27.98
C CYS C 68 -2.95 -5.48 28.08
N PRO C 69 -2.63 -4.60 27.12
CA PRO C 69 -3.12 -3.23 27.10
C PRO C 69 -4.62 -3.04 26.92
N TYR C 70 -5.35 -4.13 26.65
CA TYR C 70 -6.76 -4.01 26.22
C TYR C 70 -7.74 -4.27 27.38
N HIS C 71 -7.70 -5.47 27.98
CA HIS C 71 -8.51 -5.75 29.18
C HIS C 71 -7.71 -6.40 30.34
N GLY C 72 -6.39 -6.33 30.29
CA GLY C 72 -5.60 -6.38 31.52
C GLY C 72 -5.20 -7.77 31.96
N LEU C 73 -5.40 -8.78 31.13
CA LEU C 73 -4.86 -10.12 31.45
C LEU C 73 -3.35 -9.97 31.68
N GLU C 74 -2.77 -10.71 32.63
CA GLU C 74 -1.33 -10.63 32.90
C GLU C 74 -0.68 -11.99 32.71
N PHE C 75 0.54 -12.02 32.19
CA PHE C 75 1.18 -13.26 31.76
C PHE C 75 2.57 -13.37 32.36
N ASP C 76 3.06 -14.58 32.60
CA ASP C 76 4.45 -14.76 32.93
C ASP C 76 5.29 -15.08 31.72
N GLY C 77 6.59 -15.18 31.93
CA GLY C 77 7.53 -15.40 30.87
C GLY C 77 7.29 -16.70 30.13
N GLY C 78 6.54 -17.59 30.77
CA GLY C 78 6.21 -18.87 30.19
C GLY C 78 4.90 -18.85 29.44
N GLY C 79 4.24 -17.69 29.42
CA GLY C 79 2.98 -17.58 28.73
C GLY C 79 1.80 -17.95 29.59
N GLN C 80 2.05 -18.33 30.83
CA GLN C 80 0.94 -18.65 31.72
C GLN C 80 0.19 -17.36 32.07
N CYS C 81 -1.13 -17.41 32.09
CA CYS C 81 -1.90 -16.26 32.55
C CYS C 81 -1.93 -16.29 34.07
N VAL C 82 -1.45 -15.23 34.71
CA VAL C 82 -1.27 -15.22 36.16
C VAL C 82 -2.23 -14.27 36.85
N HIS C 83 -2.93 -13.46 36.06
CA HIS C 83 -4.01 -12.65 36.58
C HIS C 83 -5.10 -12.37 35.55
N ASN C 84 -6.34 -12.56 35.97
CA ASN C 84 -7.50 -12.20 35.18
C ASN C 84 -8.33 -11.24 36.05
N PRO C 85 -8.39 -9.94 35.70
CA PRO C 85 -9.12 -8.99 36.57
C PRO C 85 -10.64 -9.19 36.63
N HIS C 86 -11.18 -10.04 35.78
CA HIS C 86 -12.60 -9.99 35.45
C HIS C 86 -13.40 -11.10 36.11
N GLY C 87 -14.57 -10.71 36.61
CA GLY C 87 -15.49 -11.66 37.24
C GLY C 87 -14.84 -12.46 38.35
N ASN C 88 -14.94 -13.78 38.27
CA ASN C 88 -14.40 -14.61 39.32
C ASN C 88 -12.88 -14.73 39.20
N GLY C 89 -12.29 -14.10 38.18
CA GLY C 89 -10.84 -14.03 38.04
C GLY C 89 -10.20 -15.39 37.77
N ALA C 90 -11.00 -16.33 37.31
CA ALA C 90 -10.50 -17.66 36.95
C ALA C 90 -9.58 -17.62 35.74
N ARG C 91 -8.56 -18.48 35.75
CA ARG C 91 -7.55 -18.54 34.72
C ARG C 91 -7.48 -19.95 34.13
N PRO C 92 -8.44 -20.32 33.27
CA PRO C 92 -8.34 -21.61 32.62
C PRO C 92 -7.23 -21.67 31.55
N ALA C 93 -6.80 -22.88 31.20
CA ALA C 93 -5.63 -23.09 30.37
C ALA C 93 -5.74 -22.30 29.08
N SER C 94 -6.97 -22.13 28.62
CA SER C 94 -7.27 -21.35 27.42
C SER C 94 -6.78 -19.90 27.43
N LEU C 95 -6.42 -19.36 28.59
CA LEU C 95 -6.00 -17.95 28.66
C LEU C 95 -4.47 -17.82 28.58
N ASN C 96 -3.78 -18.95 28.47
CA ASN C 96 -2.32 -18.96 28.36
C ASN C 96 -1.92 -18.56 26.94
N VAL C 97 -0.82 -17.81 26.81
CA VAL C 97 -0.28 -17.41 25.50
C VAL C 97 0.96 -18.23 25.12
N ARG C 98 1.15 -18.49 23.83
CA ARG C 98 2.33 -19.24 23.38
C ARG C 98 3.58 -18.49 23.80
N SER C 99 4.53 -19.21 24.40
CA SER C 99 5.87 -18.74 24.68
C SER C 99 6.91 -19.54 23.86
N PHE C 100 7.91 -18.84 23.36
CA PHE C 100 8.90 -19.44 22.47
C PHE C 100 10.19 -19.70 23.22
N PRO C 101 10.84 -20.84 22.91
CA PRO C 101 12.15 -21.08 23.47
C PRO C 101 13.08 -19.94 23.11
N VAL C 102 13.80 -19.45 24.11
CA VAL C 102 14.59 -18.24 24.01
C VAL C 102 15.82 -18.45 24.86
N VAL C 103 16.97 -18.21 24.25
CA VAL C 103 18.24 -18.23 24.97
C VAL C 103 18.98 -16.94 24.66
N GLU C 104 19.47 -16.29 25.71
CA GLU C 104 20.45 -15.21 25.58
C GLU C 104 21.84 -15.80 25.73
N ARG C 105 22.67 -15.63 24.70
CA ARG C 105 23.97 -16.28 24.62
C ARG C 105 24.78 -15.54 23.58
N ASP C 106 26.07 -15.31 23.87
CA ASP C 106 26.96 -14.60 22.96
C ASP C 106 26.44 -13.21 22.57
N ALA C 107 25.78 -12.55 23.51
CA ALA C 107 25.24 -11.21 23.29
C ALA C 107 24.28 -11.23 22.10
N LEU C 108 23.55 -12.34 21.96
CA LEU C 108 22.46 -12.43 21.00
C LEU C 108 21.25 -13.02 21.68
N ILE C 109 20.06 -12.65 21.20
CA ILE C 109 18.84 -13.28 21.65
C ILE C 109 18.36 -14.29 20.62
N TRP C 110 18.51 -15.57 20.92
CA TRP C 110 18.10 -16.65 20.01
C TRP C 110 16.70 -17.13 20.35
N ILE C 111 15.92 -17.40 19.31
CA ILE C 111 14.57 -17.89 19.45
C ILE C 111 14.34 -19.03 18.49
N TRP C 112 13.51 -19.98 18.92
CA TRP C 112 13.16 -21.14 18.11
C TRP C 112 11.70 -21.05 17.70
N PRO C 113 11.44 -20.70 16.44
CA PRO C 113 10.07 -20.39 16.05
C PRO C 113 9.31 -21.61 15.62
N GLY C 114 9.94 -22.77 15.72
CA GLY C 114 9.43 -23.98 15.10
C GLY C 114 8.87 -24.93 16.15
N ASP C 115 8.94 -26.22 15.85
CA ASP C 115 8.42 -27.27 16.73
C ASP C 115 9.19 -27.28 18.06
N PRO C 116 8.54 -26.86 19.15
CA PRO C 116 9.27 -26.60 20.38
C PRO C 116 9.88 -27.82 21.05
N ALA C 117 9.37 -29.01 20.76
CA ALA C 117 9.96 -30.28 21.24
C ALA C 117 11.39 -30.51 20.76
N LEU C 118 11.72 -29.87 19.64
CA LEU C 118 12.95 -30.14 18.91
C LEU C 118 14.03 -29.10 19.21
N ALA C 119 13.67 -28.08 19.98
CA ALA C 119 14.56 -26.95 20.28
C ALA C 119 15.66 -27.33 21.25
N ASP C 120 16.90 -27.45 20.76
CA ASP C 120 18.03 -27.87 21.59
C ASP C 120 19.08 -26.77 21.71
N PRO C 121 19.22 -26.18 22.90
CA PRO C 121 20.09 -25.01 23.00
C PRO C 121 21.54 -25.34 22.71
N GLY C 122 21.91 -26.63 22.78
CA GLY C 122 23.23 -27.05 22.39
C GLY C 122 23.52 -26.87 20.91
N ALA C 123 22.46 -26.71 20.11
CA ALA C 123 22.59 -26.54 18.66
C ALA C 123 22.75 -25.07 18.23
N ILE C 124 22.62 -24.15 19.17
CA ILE C 124 22.85 -22.73 18.90
C ILE C 124 24.29 -22.57 18.43
N PRO C 125 24.48 -21.91 17.29
CA PRO C 125 25.79 -21.55 16.74
C PRO C 125 26.73 -20.82 17.73
N ASP C 126 28.02 -21.10 17.61
CA ASP C 126 29.03 -20.56 18.52
C ASP C 126 29.48 -19.20 18.06
N PHE C 127 28.99 -18.16 18.72
CA PHE C 127 29.45 -16.79 18.48
C PHE C 127 30.18 -16.26 19.70
N GLY C 128 31.07 -17.08 20.27
CA GLY C 128 31.60 -16.84 21.60
C GLY C 128 32.53 -15.63 21.66
N CYS C 129 33.19 -15.35 20.55
CA CYS C 129 34.02 -14.17 20.48
C CYS C 129 33.27 -12.93 20.96
N ARG C 130 31.95 -12.96 20.94
CA ARG C 130 31.15 -11.76 21.20
C ARG C 130 31.16 -11.40 22.67
N VAL C 131 31.50 -12.35 23.53
CA VAL C 131 31.48 -12.09 24.97
C VAL C 131 32.83 -12.43 25.59
N ASP C 132 33.78 -12.75 24.72
CA ASP C 132 35.19 -12.85 25.05
C ASP C 132 35.77 -11.47 25.28
N PRO C 133 36.40 -11.24 26.45
CA PRO C 133 36.96 -9.92 26.68
C PRO C 133 38.31 -9.70 26.01
N ALA C 134 38.86 -10.75 25.41
CA ALA C 134 39.97 -10.59 24.49
C ALA C 134 39.55 -9.87 23.21
N TYR C 135 38.25 -9.66 23.04
CA TYR C 135 37.71 -8.99 21.86
C TYR C 135 36.88 -7.78 22.24
N ARG C 136 36.99 -6.75 21.43
CA ARG C 136 36.09 -5.61 21.49
C ARG C 136 34.94 -5.82 20.52
N THR C 137 33.71 -5.86 21.05
CA THR C 137 32.56 -6.14 20.21
C THR C 137 31.56 -4.97 20.13
N VAL C 138 31.24 -4.58 18.91
CA VAL C 138 30.21 -3.58 18.63
C VAL C 138 29.45 -4.06 17.40
N GLY C 139 28.29 -3.46 17.14
CA GLY C 139 27.52 -3.82 15.95
C GLY C 139 26.20 -3.08 15.96
N GLY C 140 25.19 -3.64 15.31
CA GLY C 140 23.86 -3.02 15.25
C GLY C 140 22.86 -3.86 14.46
N TYR C 141 21.77 -3.21 14.07
CA TYR C 141 20.59 -3.88 13.52
C TYR C 141 20.21 -3.14 12.28
N GLY C 142 19.75 -3.87 11.26
CA GLY C 142 19.20 -3.27 10.06
C GLY C 142 18.09 -4.09 9.45
N HIS C 143 17.24 -3.43 8.68
CA HIS C 143 16.09 -4.08 8.04
C HIS C 143 16.22 -3.93 6.53
N VAL C 144 15.91 -4.99 5.77
CA VAL C 144 15.98 -4.95 4.31
C VAL C 144 14.72 -5.56 3.70
N ASP C 145 14.22 -4.90 2.67
CA ASP C 145 13.03 -5.37 1.99
C ASP C 145 13.43 -6.32 0.90
N CYS C 146 14.11 -7.38 1.30
CA CYS C 146 14.34 -8.47 0.38
C CYS C 146 14.22 -9.77 1.15
N ASN C 147 13.97 -10.87 0.43
CA ASN C 147 14.07 -12.22 1.00
C ASN C 147 15.47 -12.48 1.53
N TYR C 148 15.55 -13.17 2.64
CA TYR C 148 16.79 -13.27 3.40
C TYR C 148 17.86 -14.01 2.62
N LYS C 149 17.42 -14.87 1.71
CA LYS C 149 18.34 -15.75 1.00
C LYS C 149 19.24 -14.93 0.07
N LEU C 150 18.76 -13.77 -0.34
CA LEU C 150 19.56 -12.90 -1.19
C LEU C 150 20.75 -12.33 -0.43
N LEU C 151 20.58 -12.08 0.86
CA LEU C 151 21.68 -11.53 1.64
C LEU C 151 22.64 -12.61 2.12
N VAL C 152 22.13 -13.81 2.40
CA VAL C 152 23.00 -14.98 2.54
C VAL C 152 23.87 -15.17 1.29
N ASP C 153 23.27 -15.11 0.12
CA ASP C 153 24.03 -15.18 -1.12
C ASP C 153 25.17 -14.15 -1.14
N ASN C 154 24.80 -12.89 -0.92
CA ASN C 154 25.71 -11.76 -1.04
C ASN C 154 26.86 -11.97 -0.08
N LEU C 155 26.50 -12.40 1.13
CA LEU C 155 27.46 -12.64 2.22
C LEU C 155 28.40 -13.81 2.01
N MET C 156 27.89 -14.91 1.47
CA MET C 156 28.73 -16.03 1.13
C MET C 156 29.59 -15.79 -0.12
N ASP C 157 29.38 -14.65 -0.78
CA ASP C 157 30.21 -14.29 -1.93
C ASP C 157 31.43 -13.45 -1.53
N LEU C 158 31.26 -12.14 -1.41
CA LEU C 158 32.40 -11.22 -1.29
C LEU C 158 31.97 -9.75 -1.47
N GLU C 178 44.96 -18.77 -2.49
CA GLU C 178 44.37 -20.09 -2.31
C GLU C 178 42.96 -20.00 -1.68
N ARG C 179 41.96 -20.44 -2.44
CA ARG C 179 40.59 -20.53 -1.95
C ARG C 179 40.31 -21.92 -1.39
N GLU C 180 39.08 -22.13 -0.91
CA GLU C 180 38.72 -23.38 -0.22
C GLU C 180 37.30 -23.30 0.34
N VAL C 181 36.42 -24.18 -0.14
CA VAL C 181 35.11 -24.35 0.45
C VAL C 181 35.00 -25.73 1.08
N ILE C 182 34.60 -25.78 2.35
CA ILE C 182 34.51 -27.04 3.06
C ILE C 182 33.18 -27.22 3.79
N VAL C 183 32.64 -28.42 3.68
CA VAL C 183 31.19 -28.61 3.74
C VAL C 183 30.89 -29.72 4.72
N GLY C 184 29.84 -29.53 5.51
CA GLY C 184 29.44 -30.52 6.50
C GLY C 184 28.02 -30.35 7.00
N ASP C 185 27.83 -30.67 8.28
CA ASP C 185 26.51 -30.90 8.84
C ASP C 185 25.94 -29.58 9.34
N GLY C 186 25.15 -28.92 8.50
CA GLY C 186 24.62 -27.58 8.82
C GLY C 186 25.68 -26.53 9.09
N GLU C 187 26.91 -26.81 8.63
CA GLU C 187 27.99 -25.82 8.59
C GLU C 187 28.73 -25.91 7.27
N ILE C 188 28.98 -24.77 6.65
CA ILE C 188 29.86 -24.69 5.49
C ILE C 188 30.86 -23.57 5.78
N GLN C 189 32.14 -23.82 5.52
CA GLN C 189 33.16 -22.79 5.62
C GLN C 189 33.78 -22.45 4.26
N ALA C 190 33.89 -21.14 3.99
CA ALA C 190 34.53 -20.63 2.80
C ALA C 190 35.82 -19.92 3.21
N LEU C 191 36.96 -20.49 2.86
CA LEU C 191 38.24 -19.90 3.25
C LEU C 191 38.97 -19.24 2.08
N MET C 192 39.50 -18.04 2.33
CA MET C 192 40.44 -17.40 1.42
C MET C 192 41.68 -16.89 2.16
N LYS C 193 42.86 -17.36 1.75
CA LYS C 193 44.11 -16.71 2.10
C LYS C 193 44.65 -15.88 0.92
N ILE C 194 45.17 -14.69 1.24
CA ILE C 194 45.83 -13.82 0.25
C ILE C 194 47.24 -13.47 0.72
N PRO C 195 48.23 -14.31 0.39
CA PRO C 195 49.60 -14.08 0.84
C PRO C 195 50.34 -13.10 -0.07
N GLY C 196 51.46 -12.57 0.40
CA GLY C 196 51.98 -11.29 -0.08
C GLY C 196 50.84 -10.29 -0.21
N GLY C 197 50.08 -10.13 0.88
CA GLY C 197 48.72 -9.62 0.79
C GLY C 197 48.66 -8.11 0.75
N THR C 198 47.45 -7.57 0.83
CA THR C 198 47.27 -6.12 0.99
C THR C 198 46.51 -5.84 2.29
N PRO C 199 47.08 -5.00 3.16
CA PRO C 199 46.46 -4.70 4.46
C PRO C 199 45.20 -3.86 4.32
N SER C 200 44.14 -4.21 5.04
CA SER C 200 42.97 -3.36 5.17
C SER C 200 43.36 -2.04 5.82
N VAL C 201 42.52 -1.02 5.67
CA VAL C 201 42.84 0.35 6.09
C VAL C 201 42.73 0.50 7.61
N LEU C 202 41.79 -0.27 8.18
CA LEU C 202 41.50 -0.22 9.62
C LEU C 202 42.62 -0.90 10.40
N MET C 203 43.08 -2.03 9.88
CA MET C 203 44.17 -2.80 10.50
C MET C 203 45.56 -2.30 10.03
N ALA C 204 45.56 -1.42 9.03
CA ALA C 204 46.78 -0.74 8.61
C ALA C 204 47.73 -0.57 9.78
N LYS C 205 47.36 0.30 10.71
CA LYS C 205 48.33 1.01 11.53
C LYS C 205 48.82 0.19 12.72
N PHE C 206 48.33 -1.04 12.84
CA PHE C 206 48.62 -1.87 14.01
C PHE C 206 49.78 -2.83 13.77
N LEU C 207 50.34 -2.81 12.57
CA LEU C 207 51.69 -3.32 12.33
C LEU C 207 52.72 -2.20 12.46
N PRO C 213 56.56 -8.85 4.35
CA PRO C 213 55.27 -8.17 4.34
C PRO C 213 54.21 -8.91 5.17
N VAL C 214 53.08 -9.24 4.55
CA VAL C 214 51.94 -9.75 5.31
C VAL C 214 51.33 -10.98 4.64
N ASP C 215 50.38 -11.59 5.34
CA ASP C 215 49.33 -12.39 4.71
C ASP C 215 47.97 -11.81 5.11
N ALA C 216 47.05 -11.69 4.15
CA ALA C 216 45.65 -11.42 4.46
C ALA C 216 44.88 -12.72 4.61
N TRP C 217 43.75 -12.62 5.30
CA TRP C 217 42.76 -13.69 5.37
C TRP C 217 41.36 -13.10 5.31
N ASN C 218 40.49 -13.71 4.52
CA ASN C 218 39.04 -13.42 4.55
C ASN C 218 38.23 -14.71 4.45
N ASP C 219 37.77 -15.22 5.60
CA ASP C 219 37.04 -16.49 5.65
C ASP C 219 35.61 -16.24 6.11
N ILE C 220 34.71 -17.15 5.77
CA ILE C 220 33.37 -17.05 6.33
C ILE C 220 32.80 -18.42 6.66
N ARG C 221 32.16 -18.49 7.82
CA ARG C 221 31.49 -19.69 8.30
C ARG C 221 29.99 -19.45 8.36
N TRP C 222 29.25 -20.36 7.74
CA TRP C 222 27.80 -20.35 7.76
C TRP C 222 27.31 -21.53 8.56
N ASN C 223 26.36 -21.28 9.47
CA ASN C 223 25.56 -22.32 10.09
C ASN C 223 24.08 -22.16 9.72
N LYS C 224 23.34 -23.25 9.64
CA LYS C 224 21.91 -23.15 9.35
C LYS C 224 21.20 -22.29 10.37
N VAL C 225 20.15 -21.57 9.95
CA VAL C 225 19.79 -21.47 8.55
C VAL C 225 20.51 -20.31 7.85
N SER C 226 20.90 -19.27 8.61
CA SER C 226 21.32 -18.00 8.04
C SER C 226 22.15 -17.19 9.02
N ALA C 227 22.97 -17.87 9.81
CA ALA C 227 23.84 -17.25 10.78
C ALA C 227 25.27 -17.36 10.26
N MET C 228 25.95 -16.23 10.06
CA MET C 228 27.33 -16.25 9.58
C MET C 228 28.34 -15.49 10.46
N LEU C 229 29.58 -15.97 10.45
CA LEU C 229 30.66 -15.32 11.19
C LEU C 229 31.84 -15.29 10.26
N ASN C 230 32.35 -14.11 9.93
CA ASN C 230 33.54 -14.05 9.10
C ASN C 230 34.81 -13.81 9.90
N PHE C 231 35.93 -13.86 9.20
CA PHE C 231 37.26 -13.71 9.77
C PHE C 231 38.08 -12.88 8.80
N ILE C 232 38.19 -11.58 9.08
CA ILE C 232 39.06 -10.71 8.28
C ILE C 232 40.34 -10.45 9.07
N ALA C 233 41.48 -10.85 8.51
CA ALA C 233 42.71 -10.95 9.29
C ALA C 233 43.91 -10.52 8.47
N VAL C 234 44.98 -10.10 9.17
CA VAL C 234 46.24 -9.76 8.53
C VAL C 234 47.41 -9.98 9.50
N ALA C 235 48.50 -10.56 9.01
CA ALA C 235 49.68 -10.81 9.84
C ALA C 235 50.97 -10.65 9.05
N PRO C 236 52.10 -10.52 9.76
CA PRO C 236 53.41 -10.72 9.15
C PRO C 236 53.50 -12.06 8.41
N GLU C 237 54.40 -12.12 7.43
CA GLU C 237 54.42 -13.22 6.47
C GLU C 237 54.69 -14.56 7.17
N GLY C 238 53.68 -15.43 7.18
CA GLY C 238 53.85 -16.79 7.66
C GLY C 238 53.62 -16.89 9.16
N THR C 239 52.60 -16.21 9.64
CA THR C 239 52.23 -16.26 11.06
C THR C 239 50.99 -17.14 11.24
N PRO C 240 50.96 -17.96 12.31
CA PRO C 240 49.70 -18.47 12.83
C PRO C 240 48.53 -17.51 12.63
N LYS C 241 47.50 -17.98 11.93
CA LYS C 241 46.42 -17.09 11.52
C LYS C 241 45.60 -16.75 12.74
N GLU C 242 45.77 -17.57 13.78
CA GLU C 242 45.12 -17.34 15.07
C GLU C 242 45.78 -16.20 15.86
N GLN C 243 47.05 -15.88 15.55
CA GLN C 243 47.77 -14.82 16.25
C GLN C 243 47.71 -13.47 15.52
N SER C 244 46.90 -13.40 14.47
CA SER C 244 46.88 -12.24 13.58
C SER C 244 46.16 -11.07 14.23
N ILE C 245 46.32 -9.89 13.64
CA ILE C 245 45.34 -8.81 13.77
C ILE C 245 44.08 -9.15 12.98
N HIS C 246 42.93 -9.19 13.65
CA HIS C 246 41.75 -9.69 13.00
C HIS C 246 40.43 -9.22 13.60
N SER C 247 39.37 -9.35 12.81
CA SER C 247 38.03 -9.09 13.27
C SER C 247 37.15 -10.27 12.88
N ARG C 248 36.32 -10.72 13.82
CA ARG C 248 35.31 -11.72 13.51
C ARG C 248 33.98 -11.00 13.39
N GLY C 249 33.38 -11.06 12.20
CA GLY C 249 32.21 -10.24 11.89
C GLY C 249 30.93 -11.06 12.04
N THR C 250 30.02 -10.58 12.87
CA THR C 250 28.70 -11.19 13.03
C THR C 250 27.79 -10.71 11.90
N HIS C 251 27.33 -11.67 11.10
CA HIS C 251 26.36 -11.38 10.03
C HIS C 251 25.26 -12.41 10.06
N ILE C 252 24.20 -12.11 10.80
CA ILE C 252 23.09 -13.04 11.01
C ILE C 252 21.78 -12.45 10.44
N LEU C 253 21.17 -13.17 9.51
CA LEU C 253 19.86 -12.81 8.97
C LEU C 253 18.73 -13.62 9.63
N THR C 254 17.57 -12.99 9.78
CA THR C 254 16.36 -13.67 10.21
C THR C 254 15.24 -13.16 9.32
N PRO C 255 14.59 -14.09 8.62
CA PRO C 255 13.42 -13.72 7.83
C PRO C 255 12.37 -12.98 8.70
N GLU C 256 11.76 -11.93 8.15
CA GLU C 256 10.60 -11.30 8.75
C GLU C 256 9.32 -11.77 8.03
N THR C 257 9.18 -11.36 6.77
CA THR C 257 8.17 -11.92 5.89
C THR C 257 8.92 -12.69 4.80
N GLU C 258 8.18 -13.25 3.85
CA GLU C 258 8.82 -13.85 2.69
C GLU C 258 9.72 -12.85 1.94
N ALA C 259 9.36 -11.58 1.96
CA ALA C 259 10.02 -10.61 1.11
C ALA C 259 10.74 -9.54 1.92
N SER C 260 11.00 -9.82 3.21
CA SER C 260 11.79 -8.91 4.03
C SER C 260 12.60 -9.66 5.08
N CYS C 261 13.63 -9.00 5.60
CA CYS C 261 14.40 -9.61 6.69
C CYS C 261 15.04 -8.61 7.62
N HIS C 262 15.42 -9.13 8.78
CA HIS C 262 16.25 -8.46 9.78
C HIS C 262 17.70 -8.87 9.64
N TYR C 263 18.60 -7.91 9.82
CA TYR C 263 20.04 -8.16 9.66
C TYR C 263 20.76 -7.71 10.93
N PHE C 264 21.35 -8.68 11.62
CA PHE C 264 22.11 -8.40 12.84
C PHE C 264 23.59 -8.50 12.49
N PHE C 265 24.33 -7.44 12.76
CA PHE C 265 25.71 -7.36 12.33
C PHE C 265 26.56 -6.89 13.47
N GLY C 266 27.82 -7.25 13.42
CA GLY C 266 28.80 -6.67 14.33
C GLY C 266 30.19 -7.18 14.04
N SER C 267 31.16 -6.69 14.83
CA SER C 267 32.53 -7.13 14.72
C SER C 267 33.12 -7.28 16.10
N SER C 268 33.90 -8.34 16.26
CA SER C 268 34.66 -8.60 17.45
C SER C 268 36.14 -8.56 17.09
N ARG C 269 36.83 -7.52 17.54
CA ARG C 269 38.18 -7.24 17.09
C ARG C 269 39.21 -7.38 18.22
N ASN C 270 40.45 -7.71 17.90
CA ASN C 270 41.52 -7.77 18.90
C ASN C 270 42.51 -6.62 18.80
N PHE C 271 42.11 -5.56 18.11
CA PHE C 271 42.98 -4.39 17.92
C PHE C 271 42.20 -3.10 18.18
N GLY C 272 42.93 -2.08 18.60
CA GLY C 272 42.34 -0.83 19.07
C GLY C 272 41.17 -1.05 20.00
N ILE C 273 41.23 -2.11 20.81
CA ILE C 273 40.08 -2.52 21.59
C ILE C 273 39.54 -1.34 22.42
N ASP C 274 40.41 -0.34 22.67
CA ASP C 274 40.02 0.79 23.50
C ASP C 274 39.82 2.09 22.72
N ASP C 275 39.81 2.00 21.38
CA ASP C 275 39.55 3.16 20.52
C ASP C 275 38.07 3.25 20.16
N PRO C 276 37.38 4.30 20.63
CA PRO C 276 35.94 4.47 20.41
C PRO C 276 35.58 5.10 19.07
N GLU C 277 36.51 5.81 18.46
CA GLU C 277 36.35 6.31 17.09
C GLU C 277 36.18 5.11 16.18
N MET C 278 36.94 4.06 16.48
CA MET C 278 36.89 2.86 15.70
C MET C 278 35.54 2.17 15.94
N ASP C 279 35.02 2.28 17.15
CA ASP C 279 33.67 1.77 17.43
C ASP C 279 32.67 2.37 16.45
N GLY C 280 32.77 3.68 16.26
CA GLY C 280 31.83 4.42 15.42
C GLY C 280 31.68 3.86 14.02
N VAL C 281 32.79 3.57 13.35
CA VAL C 281 32.75 3.12 11.95
C VAL C 281 32.39 1.66 11.88
N LEU C 282 32.80 0.92 12.90
CA LEU C 282 32.49 -0.50 12.98
C LEU C 282 31.04 -0.73 13.40
N ARG C 283 30.36 0.34 13.81
CA ARG C 283 28.94 0.28 14.13
C ARG C 283 28.10 0.76 12.94
N SER C 284 28.76 1.10 11.83
CA SER C 284 28.06 1.64 10.68
C SER C 284 27.38 0.55 9.85
N TRP C 285 26.06 0.65 9.73
CA TRP C 285 25.30 -0.15 8.79
C TRP C 285 25.97 -0.18 7.40
N GLN C 286 26.20 0.99 6.82
CA GLN C 286 26.74 1.05 5.46
C GLN C 286 28.21 0.64 5.35
N ALA C 287 29.00 0.93 6.39
CA ALA C 287 30.40 0.54 6.43
C ALA C 287 30.56 -0.98 6.60
N GLN C 288 29.64 -1.59 7.33
CA GLN C 288 29.86 -2.93 7.87
C GLN C 288 28.93 -4.00 7.27
N ALA C 289 27.73 -3.61 6.88
CA ALA C 289 26.67 -4.59 6.57
C ALA C 289 26.20 -4.52 5.12
N LEU C 290 25.90 -3.31 4.65
CA LEU C 290 25.33 -3.16 3.30
C LEU C 290 25.42 -1.69 2.88
N VAL C 291 26.17 -1.42 1.81
CA VAL C 291 26.28 -0.03 1.32
C VAL C 291 24.98 0.35 0.61
N LYS C 292 24.62 1.63 0.61
CA LYS C 292 23.32 2.08 0.15
C LYS C 292 23.08 1.49 -1.24
N GLU C 293 24.17 1.32 -1.98
CA GLU C 293 24.11 0.96 -3.39
C GLU C 293 23.80 -0.52 -3.56
N ASP C 294 24.24 -1.35 -2.61
CA ASP C 294 23.93 -2.77 -2.64
C ASP C 294 22.51 -3.04 -2.09
N LYS C 295 22.16 -2.36 -1.02
CA LYS C 295 20.77 -2.41 -0.57
C LYS C 295 19.85 -2.12 -1.75
N VAL C 296 20.13 -1.05 -2.49
CA VAL C 296 19.32 -0.74 -3.66
C VAL C 296 19.18 -1.96 -4.58
N VAL C 297 20.26 -2.71 -4.76
CA VAL C 297 20.27 -3.86 -5.70
C VAL C 297 19.45 -5.05 -5.21
N VAL C 298 19.62 -5.47 -3.96
CA VAL C 298 18.92 -6.65 -3.47
C VAL C 298 17.41 -6.42 -3.31
N GLU C 299 17.03 -5.19 -2.99
CA GLU C 299 15.61 -4.86 -2.93
C GLU C 299 15.02 -4.82 -4.33
N ALA C 300 15.86 -4.45 -5.30
CA ALA C 300 15.49 -4.40 -6.71
C ALA C 300 15.41 -5.80 -7.29
N ILE C 301 16.32 -6.68 -6.88
CA ILE C 301 16.16 -8.09 -7.18
C ILE C 301 14.82 -8.67 -6.69
N GLU C 302 14.46 -8.40 -5.45
CA GLU C 302 13.18 -8.84 -4.88
C GLU C 302 11.94 -8.37 -5.67
N ARG C 303 11.99 -7.15 -6.20
CA ARG C 303 10.92 -6.63 -7.07
C ARG C 303 10.89 -7.33 -8.41
N ARG C 304 11.99 -7.99 -8.78
CA ARG C 304 12.04 -8.73 -10.06
C ARG C 304 11.62 -10.19 -9.95
N ARG C 305 11.32 -10.61 -8.73
CA ARG C 305 11.04 -12.00 -8.42
C ARG C 305 9.79 -12.50 -9.13
N ALA C 306 8.72 -11.70 -9.08
CA ALA C 306 7.53 -11.93 -9.88
C ALA C 306 7.82 -12.34 -11.31
N TYR C 307 8.56 -11.49 -12.03
CA TYR C 307 8.86 -11.74 -13.43
C TYR C 307 9.65 -13.02 -13.61
N VAL C 308 10.70 -13.22 -12.82
CA VAL C 308 11.50 -14.42 -12.99
C VAL C 308 10.68 -15.68 -12.76
N GLU C 309 9.85 -15.68 -11.72
CA GLU C 309 9.02 -16.84 -11.43
C GLU C 309 8.00 -17.14 -12.54
N ALA C 310 7.41 -16.08 -13.09
CA ALA C 310 6.36 -16.25 -14.09
C ALA C 310 6.95 -16.69 -15.42
N ASN C 311 8.23 -16.37 -15.65
CA ASN C 311 8.87 -16.75 -16.90
C ASN C 311 9.84 -17.92 -16.79
N GLY C 312 9.81 -18.60 -15.64
CA GLY C 312 10.74 -19.70 -15.37
C GLY C 312 12.18 -19.32 -15.70
N ILE C 313 12.65 -18.25 -15.10
CA ILE C 313 14.03 -17.83 -15.27
C ILE C 313 14.82 -18.34 -14.08
N ARG C 314 15.97 -18.95 -14.32
CA ARG C 314 16.82 -19.42 -13.25
C ARG C 314 18.16 -18.70 -13.29
N PRO C 315 18.85 -18.63 -12.15
CA PRO C 315 20.15 -17.97 -12.15
C PRO C 315 21.24 -18.77 -12.84
N ALA C 316 22.13 -18.06 -13.51
CA ALA C 316 23.28 -18.67 -14.14
C ALA C 316 24.46 -18.41 -13.25
N MET C 317 25.15 -19.45 -12.82
CA MET C 317 26.15 -19.30 -11.78
C MET C 317 27.53 -19.04 -12.40
N LEU C 318 28.36 -18.32 -11.66
CA LEU C 318 29.76 -18.09 -12.04
C LEU C 318 30.67 -18.85 -11.07
N SER C 319 31.95 -18.90 -11.43
CA SER C 319 32.93 -19.68 -10.67
C SER C 319 32.92 -19.29 -9.19
N CYS C 320 32.81 -17.99 -8.91
CA CYS C 320 32.81 -17.48 -7.54
C CYS C 320 31.54 -17.78 -6.73
N ASP C 321 30.67 -18.63 -7.27
CA ASP C 321 29.37 -18.86 -6.64
C ASP C 321 29.34 -20.16 -5.79
N GLU C 322 30.47 -20.87 -5.73
CA GLU C 322 30.47 -22.22 -5.18
C GLU C 322 29.83 -22.28 -3.79
N ALA C 323 30.29 -21.45 -2.87
CA ALA C 323 29.80 -21.56 -1.48
C ALA C 323 28.34 -21.15 -1.37
N ALA C 324 27.97 -20.06 -2.03
CA ALA C 324 26.58 -19.64 -2.01
C ALA C 324 25.70 -20.79 -2.43
N VAL C 325 26.03 -21.42 -3.54
CA VAL C 325 25.22 -22.49 -4.11
C VAL C 325 25.08 -23.67 -3.14
N ARG C 326 26.20 -24.13 -2.58
CA ARG C 326 26.19 -25.10 -1.50
C ARG C 326 25.27 -24.76 -0.36
N VAL C 327 25.36 -23.52 0.13
CA VAL C 327 24.53 -23.09 1.25
C VAL C 327 23.06 -23.04 0.83
N SER C 328 22.82 -22.53 -0.37
CA SER C 328 21.50 -22.52 -0.96
C SER C 328 20.90 -23.92 -1.01
N ARG C 329 21.69 -24.89 -1.44
CA ARG C 329 21.18 -26.24 -1.61
C ARG C 329 20.79 -26.87 -0.28
N GLU C 330 21.54 -26.57 0.79
CA GLU C 330 21.24 -27.12 2.11
CA GLU C 330 21.25 -27.10 2.13
C GLU C 330 20.00 -26.47 2.71
N ILE C 331 19.78 -25.20 2.40
CA ILE C 331 18.60 -24.52 2.90
C ILE C 331 17.39 -25.17 2.23
N GLU C 332 17.49 -25.35 0.93
CA GLU C 332 16.42 -25.96 0.18
C GLU C 332 16.11 -27.34 0.73
N LYS C 333 17.16 -28.04 1.16
CA LYS C 333 17.03 -29.39 1.70
C LYS C 333 16.29 -29.36 3.01
N LEU C 334 16.57 -28.33 3.82
CA LEU C 334 15.89 -28.15 5.08
C LEU C 334 14.43 -27.77 4.86
N GLU C 335 14.18 -26.97 3.83
CA GLU C 335 12.82 -26.64 3.45
C GLU C 335 12.09 -27.93 3.12
N GLN C 336 12.63 -28.70 2.19
CA GLN C 336 11.96 -29.90 1.68
C GLN C 336 11.65 -30.88 2.82
N LEU C 337 12.58 -30.99 3.75
CA LEU C 337 12.43 -31.91 4.86
C LEU C 337 11.23 -31.51 5.71
N GLU C 338 10.99 -30.22 5.82
CA GLU C 338 10.01 -29.73 6.77
C GLU C 338 8.58 -30.02 6.30
N ALA C 339 8.30 -29.82 5.01
CA ALA C 339 7.14 -30.49 4.39
C ALA C 339 7.25 -32.02 4.44
N ALA C 340 6.56 -32.66 5.40
CA ALA C 340 5.16 -32.38 5.66
C ALA C 340 4.95 -32.01 7.14
FE1 FES D . -19.17 10.75 -19.59
FE2 FES D . -20.10 10.97 -16.99
S1 FES D . -20.71 12.10 -18.78
S2 FES D . -18.40 9.76 -17.77
FE FE E . -12.46 2.87 24.07
CL1 D3M F . -16.74 4.69 28.61
CL2 D3M F . -17.92 10.67 27.00
C1 D3M F . -17.77 7.98 26.59
O1 D3M F . -17.45 8.71 24.36
C2 D3M F . -17.56 9.00 27.50
O2 D3M F . -19.50 8.19 24.99
C3 D3M F . -17.08 8.73 28.77
O3 D3M F . -17.73 5.64 26.05
C4 D3M F . -16.82 7.42 29.11
C5 D3M F . -17.05 6.40 28.19
C6 D3M F . -17.53 6.68 26.94
C7 D3M F . -18.28 8.32 25.23
C8 D3M F . -16.61 5.07 25.36
FE1 FES G . 24.73 -9.16 -12.50
FE2 FES G . 25.86 -10.76 -10.58
S1 FES G . 23.77 -10.08 -10.75
S2 FES G . 26.81 -9.84 -12.33
FE FE H . -8.28 15.57 -22.37
CL1 D3M I . -8.28 18.52 -28.19
CL2 D3M I . -2.63 21.40 -28.52
C1 D3M I . -4.27 19.21 -28.27
O1 D3M I . -2.52 18.25 -27.03
C2 D3M I . -4.21 20.58 -28.42
O2 D3M I . -2.50 17.94 -29.22
C3 D3M I . -5.38 21.34 -28.48
O3 D3M I . -5.51 17.19 -28.05
C4 D3M I . -6.61 20.70 -28.40
C5 D3M I . -6.67 19.31 -28.26
C6 D3M I . -5.50 18.57 -28.18
C7 D3M I . -3.02 18.41 -28.18
C8 D3M I . -5.80 16.54 -26.81
FE1 FES J . -8.58 -8.59 26.13
FE2 FES J . -5.84 -9.04 25.95
S1 FES J . -7.31 -8.69 24.34
S2 FES J . -7.13 -8.96 27.72
#